data_9IXX
#
_entry.id   9IXX
#
_cell.length_a   1.00
_cell.length_b   1.00
_cell.length_c   1.00
_cell.angle_alpha   90.00
_cell.angle_beta   90.00
_cell.angle_gamma   90.00
#
_symmetry.space_group_name_H-M   'P 1'
#
loop_
_entity.id
_entity.type
_entity.pdbx_description
1 polymer 'G-alpha q'
2 polymer 'Guanine nucleotide-binding protein G(I)/G(S)/G(T) subunit beta-1'
3 polymer scFv16
4 polymer 'Guanine nucleotide-binding protein G(I)/G(S)/G(O) subunit gamma-2'
5 polymer 'Cysteinyl leukotriene receptor 2'
6 non-polymer '(5~{S},6~{R},7~{E},9~{E},11~{Z},14~{Z})-6-[(2~{R})-2-azanyl-3-(2-hydroxy-2-oxoethylamino)-3-oxidanylidene-propyl]sulfanyl-5-oxidanyl-icosa-7,9,11,14-tetraenoic acid'
#
loop_
_entity_poly.entity_id
_entity_poly.type
_entity_poly.pdbx_seq_one_letter_code
_entity_poly.pdbx_strand_id
1 'polypeptide(L)'
;MGCTLSAEDKAAVERSKMIEKQLQKDKQVYRRTLRLLLLGADNSGKSTIVKQMRIYHVNGYSEEECKQYKAVVYSNTIQS
IIAIIRAMGRLKIDFGDSARADDARQLFVLAGAAEEGFMTAELAGVIKRLWKDSGVQACFNRSREYQLNDSAAYYLNDLD
RIAQPNYIPTQQDVLRTRVKTSGIFETKFQVDKVNFHMFDVGAQRDERRKWIQCFNDVTAIIFVVDSSDYNRLQEALNDF
KSIWNNRWLRTISVILFLNKQDLLAEKVLAGKSKIEDYFPEFARYTTPEDATPEPGEDPRVTRAKYFIRKEFVDISTASG
DGRHICYPHFTCSVDTENARRIFNDCKDIILQMNLREYNLV
;
A
2 'polypeptide(L)'
;MHHHHHHGSLLQSELDQLRQEAEQLKNQIRDARKACADATLSQITNNIDPVGRIQMRTRRTLRGHLAKIYAMHWGTDSRL
LVSASQDGKLIIWDSYTTNKVHAIPLRSSWVMTCAYAPSGNYVACGGLDNICSIYNLKTREGNVRVSRELAGHTGYLSCC
RFLDDNQIVTSSGDTTCALWDIETGQQTTTFTGHTGDVMSLSLAPDTRLFVSGACDASAKLWDVREGMCRQTFTGHESDI
NAICFFPNGNAFATGSDDATCRLFDLRADQELMTYSHDNIICGITSVSFSKSGRLLLAGYDDFNCNVWDALKADRAGVLA
GHDNRVSCLGVTDDGMAVATGSWDSFLKIWN
;
B
3 'polypeptide(L)'
;MVQLVESGGGLVQPGGSRKLSCSASGFAFSSFGMHWVRQAPEKGLEWVAYISSGSGTIYYADTVKGRFTISRDDPKNTLF
LQMTSLRSEDTAMYYCVRSIYYYGSSPFDFWGQGTTLTVSAGGGGSGGGGSGGGGSADIVMTQATSSVPVTPGESVSISC
RSSKSLLHSNGNTYLYWFLQRPGQSPQLLIYRMSNLASGVPDRFSGSGSGTAFTLTISRLEAEDVGVYYCMQHLEYPLTF
GAGTKLEL
;
E
4 'polypeptide(L)' MASNNTASIAQARKLVEQLKMEANIDRIKVSKAAADLMAYCEAHAKEDPLLTPVPASENPFREKKFFCAIL G
5 'polypeptide(L)'
;MERKFMSLQPSISVSEMEPNGTFSNNNSRNCTIENFKREFFPIVYLIIFFWGVLGNGLSIYVFLQPYKKSTSVNVFMLNL
AISDLLFISTLPFRADYYLRGSNWIFGDLACRIMSYSLYVNMYSSIYFLTVLSVVRFLAMVHPFRLLHVTSIRSAWILCG
IIWILIMASSIMLLDSGSEQNGSVTSCLELNLYKIAKLQTMNYIALVVGCLLPFFTLSICYLLIIRVLLKVEVPESGLRV
SHRKALTTIIITLIIFFLCFLPYHTLRTVHLTTWKVGLCKDRLHKALVITLALAAANACFNPLLYYFAGENFKDRLKSAL
RKGHPQKAKTKCVFPVS
;
R
#
loop_
_chem_comp.id
_chem_comp.type
_chem_comp.name
_chem_comp.formula
LTD non-polymer '(5~{S},6~{R},7~{E},9~{E},11~{Z},14~{Z})-6-[(2~{R})-2-azanyl-3-(2-hydroxy-2-oxoethylamino)-3-oxidanylidene-propyl]sulfanyl-5-oxidanyl-icosa-7,9,11,14-tetraenoic acid' 'C25 H40 N2 O6 S'
#
# COMPACT_ATOMS: atom_id res chain seq x y z
N LEU A 5 -19.00 -23.77 3.68
CA LEU A 5 -18.14 -22.71 4.28
C LEU A 5 -18.38 -22.64 5.78
N SER A 6 -17.28 -22.69 6.56
CA SER A 6 -17.39 -22.67 8.00
C SER A 6 -17.96 -21.35 8.49
N ALA A 7 -18.62 -21.40 9.65
CA ALA A 7 -19.21 -20.19 10.22
C ALA A 7 -18.14 -19.24 10.74
N GLU A 8 -17.09 -19.77 11.35
CA GLU A 8 -16.00 -18.92 11.82
C GLU A 8 -15.35 -18.16 10.67
N ASP A 9 -15.18 -18.83 9.52
CA ASP A 9 -14.61 -18.16 8.36
C ASP A 9 -15.54 -17.05 7.87
N LYS A 10 -16.85 -17.28 7.91
CA LYS A 10 -17.79 -16.24 7.50
C LYS A 10 -17.74 -15.05 8.44
N ALA A 11 -17.63 -15.31 9.76
CA ALA A 11 -17.52 -14.22 10.71
C ALA A 11 -16.22 -13.44 10.50
N ALA A 12 -15.13 -14.15 10.21
CA ALA A 12 -13.86 -13.48 9.93
C ALA A 12 -13.97 -12.63 8.66
N VAL A 13 -14.67 -13.13 7.64
CA VAL A 13 -14.84 -12.37 6.42
C VAL A 13 -15.68 -11.12 6.68
N GLU A 14 -16.70 -11.23 7.53
CA GLU A 14 -17.50 -10.07 7.88
C GLU A 14 -16.68 -9.04 8.64
N ARG A 15 -15.85 -9.50 9.57
CA ARG A 15 -14.98 -8.58 10.30
C ARG A 15 -14.00 -7.91 9.35
N SER A 16 -13.48 -8.65 8.37
CA SER A 16 -12.58 -8.07 7.39
C SER A 16 -13.30 -7.04 6.53
N LYS A 17 -14.56 -7.30 6.20
CA LYS A 17 -15.34 -6.33 5.42
C LYS A 17 -15.58 -5.06 6.23
N MET A 18 -15.85 -5.18 7.53
CA MET A 18 -15.99 -4.01 8.37
C MET A 18 -14.68 -3.22 8.46
N ILE A 19 -13.55 -3.94 8.61
CA ILE A 19 -12.26 -3.26 8.64
C ILE A 19 -11.99 -2.56 7.33
N GLU A 20 -12.42 -3.16 6.21
CA GLU A 20 -12.26 -2.52 4.91
C GLU A 20 -13.13 -1.27 4.80
N LYS A 21 -14.35 -1.33 5.33
CA LYS A 21 -15.20 -0.15 5.39
C LYS A 21 -14.50 0.98 6.13
N GLN A 22 -13.95 0.67 7.31
CA GLN A 22 -13.26 1.69 8.09
C GLN A 22 -12.02 2.21 7.35
N LEU A 23 -11.28 1.32 6.71
CA LEU A 23 -10.09 1.73 5.98
C LEU A 23 -10.43 2.63 4.81
N GLN A 24 -11.55 2.37 4.12
CA GLN A 24 -11.98 3.25 3.05
C GLN A 24 -12.45 4.60 3.59
N LYS A 25 -13.19 4.59 4.70
CA LYS A 25 -13.58 5.84 5.33
C LYS A 25 -12.37 6.69 5.69
N ASP A 26 -11.29 6.05 6.15
CA ASP A 26 -10.08 6.79 6.47
C ASP A 26 -9.31 7.21 5.22
N LYS A 27 -9.30 6.36 4.19
CA LYS A 27 -8.58 6.68 2.96
C LYS A 27 -9.21 7.85 2.24
N GLN A 28 -10.54 8.00 2.36
CA GLN A 28 -11.19 9.19 1.82
C GLN A 28 -10.50 10.46 2.33
N VAL A 29 -10.43 10.61 3.65
CA VAL A 29 -9.79 11.79 4.25
C VAL A 29 -8.32 11.83 3.84
N TYR A 30 -7.63 10.69 3.91
CA TYR A 30 -6.22 10.66 3.56
C TYR A 30 -5.98 11.27 2.18
N ARG A 31 -6.61 10.70 1.16
CA ARG A 31 -6.49 11.24 -0.19
C ARG A 31 -6.90 12.70 -0.24
N ARG A 32 -7.99 13.06 0.44
CA ARG A 32 -8.48 14.42 0.42
C ARG A 32 -7.63 15.38 1.26
N THR A 33 -6.62 14.88 1.95
CA THR A 33 -5.73 15.74 2.72
C THR A 33 -4.52 16.15 1.88
N LEU A 34 -3.72 17.05 2.43
CA LEU A 34 -2.53 17.59 1.77
C LEU A 34 -1.39 17.63 2.79
N ARG A 35 -0.39 16.77 2.60
CA ARG A 35 0.73 16.69 3.51
C ARG A 35 1.81 17.70 3.11
N LEU A 36 2.32 18.44 4.09
CA LEU A 36 3.37 19.41 3.87
C LEU A 36 4.52 19.13 4.83
N LEU A 37 5.75 19.32 4.34
CA LEU A 37 6.96 19.04 5.12
C LEU A 37 7.68 20.35 5.42
N LEU A 38 7.71 20.74 6.69
CA LEU A 38 8.40 21.96 7.11
C LEU A 38 9.83 21.60 7.53
N LEU A 39 10.81 22.25 6.90
CA LEU A 39 12.21 22.03 7.20
C LEU A 39 12.88 23.37 7.49
N GLY A 40 13.91 23.32 8.34
CA GLY A 40 14.63 24.53 8.71
C GLY A 40 15.59 24.30 9.87
N ALA A 41 16.72 24.99 9.84
CA ALA A 41 17.71 24.84 10.90
C ALA A 41 17.22 25.53 12.17
N ASP A 42 18.03 25.42 13.23
CA ASP A 42 17.66 26.04 14.50
C ASP A 42 17.55 27.56 14.36
N ASN A 43 18.49 28.17 13.63
CA ASN A 43 18.44 29.61 13.44
C ASN A 43 17.22 30.03 12.64
N SER A 44 16.74 29.16 11.76
CA SER A 44 15.56 29.47 10.96
C SER A 44 14.35 29.71 11.87
N GLY A 45 13.44 30.56 11.40
CA GLY A 45 12.27 30.90 12.17
C GLY A 45 11.10 29.97 11.93
N LYS A 46 11.37 28.67 11.81
CA LYS A 46 10.30 27.71 11.60
C LYS A 46 9.35 27.65 12.79
N SER A 47 9.88 27.81 14.00
CA SER A 47 9.02 27.83 15.18
C SER A 47 8.07 29.01 15.13
N THR A 48 8.58 30.20 14.80
CA THR A 48 7.71 31.36 14.66
C THR A 48 6.69 31.17 13.55
N ILE A 49 7.07 30.48 12.48
CA ILE A 49 6.12 30.22 11.39
C ILE A 49 5.00 29.32 11.89
N VAL A 50 5.34 28.23 12.58
CA VAL A 50 4.31 27.35 13.12
C VAL A 50 3.42 28.10 14.09
N LYS A 51 4.01 28.99 14.89
CA LYS A 51 3.21 29.80 15.82
C LYS A 51 2.31 30.77 15.08
N GLN A 52 2.71 31.19 13.88
CA GLN A 52 1.92 32.17 13.11
C GLN A 52 0.86 31.51 12.23
N MET A 53 1.10 30.27 11.80
CA MET A 53 0.13 29.54 10.97
C MET A 53 -0.91 28.88 11.87
N ARG A 54 -1.83 29.71 12.36
CA ARG A 54 -2.88 29.29 13.28
C ARG A 54 -4.24 29.72 12.73
N ILE A 55 -4.47 29.45 11.44
CA ILE A 55 -5.73 29.79 10.80
C ILE A 55 -6.87 29.05 11.49
N THR A 181 10.88 14.31 23.44
CA THR A 181 11.79 13.65 22.52
C THR A 181 11.07 13.26 21.23
N SER A 182 10.01 13.99 20.90
CA SER A 182 9.22 13.71 19.71
C SER A 182 9.97 14.24 18.49
N GLY A 183 10.46 13.33 17.65
CA GLY A 183 11.16 13.70 16.44
C GLY A 183 10.30 14.16 15.29
N ILE A 184 8.99 14.23 15.48
CA ILE A 184 8.06 14.67 14.45
C ILE A 184 6.95 15.48 15.11
N PHE A 185 6.53 16.55 14.45
CA PHE A 185 5.48 17.43 14.96
C PHE A 185 4.50 17.70 13.84
N GLU A 186 3.28 17.17 13.97
CA GLU A 186 2.24 17.35 12.98
C GLU A 186 1.31 18.49 13.41
N THR A 187 0.99 19.37 12.47
CA THR A 187 0.11 20.51 12.73
C THR A 187 -0.93 20.58 11.61
N LYS A 188 -2.20 20.47 11.98
CA LYS A 188 -3.30 20.52 11.02
C LYS A 188 -3.92 21.92 11.06
N PHE A 189 -4.05 22.53 9.88
CA PHE A 189 -4.69 23.84 9.79
C PHE A 189 -5.52 23.91 8.51
N GLN A 190 -6.69 24.53 8.61
CA GLN A 190 -7.64 24.62 7.51
C GLN A 190 -7.57 26.00 6.89
N VAL A 191 -7.43 26.05 5.56
CA VAL A 191 -7.40 27.30 4.82
C VAL A 191 -8.29 27.14 3.59
N ASP A 192 -9.12 28.15 3.31
CA ASP A 192 -10.01 28.13 2.15
C ASP A 192 -10.81 26.83 2.08
N LYS A 193 -11.17 26.29 3.25
CA LYS A 193 -12.01 25.10 3.35
C LYS A 193 -11.27 23.84 2.87
N VAL A 194 -9.96 23.77 3.09
CA VAL A 194 -9.20 22.56 2.82
C VAL A 194 -8.10 22.44 3.87
N ASN A 195 -7.82 21.21 4.29
CA ASN A 195 -6.89 20.98 5.39
C ASN A 195 -5.46 20.86 4.87
N PHE A 196 -4.51 21.17 5.76
CA PHE A 196 -3.09 21.03 5.48
C PHE A 196 -2.41 20.48 6.73
N HIS A 197 -1.65 19.41 6.57
CA HIS A 197 -0.93 18.75 7.66
C HIS A 197 0.56 19.04 7.47
N MET A 198 1.05 20.07 8.15
CA MET A 198 2.45 20.44 8.08
C MET A 198 3.25 19.62 9.09
N PHE A 199 4.39 19.08 8.64
CA PHE A 199 5.23 18.22 9.46
C PHE A 199 6.55 18.93 9.70
N ASP A 200 6.82 19.29 10.95
CA ASP A 200 8.06 19.92 11.37
C ASP A 200 8.93 18.90 12.07
N VAL A 201 10.22 18.91 11.75
CA VAL A 201 11.20 17.98 12.32
C VAL A 201 12.38 18.82 12.80
N GLY A 202 12.44 19.11 14.09
CA GLY A 202 13.52 19.88 14.66
C GLY A 202 14.12 19.24 15.90
N ALA A 203 13.86 17.95 16.09
CA ALA A 203 14.35 17.21 17.26
C ALA A 203 14.98 15.90 16.81
N GLN A 204 15.81 15.97 15.77
CA GLN A 204 16.50 14.80 15.26
C GLN A 204 17.95 15.18 14.97
N ARG A 205 18.75 14.19 14.57
CA ARG A 205 20.15 14.42 14.29
C ARG A 205 20.30 15.43 13.15
N ASP A 206 21.53 15.97 13.02
CA ASP A 206 21.79 16.98 12.01
C ASP A 206 21.52 16.43 10.60
N GLU A 207 22.21 15.35 10.23
CA GLU A 207 22.05 14.78 8.90
C GLU A 207 20.63 14.23 8.73
N ARG A 208 20.07 14.40 7.53
CA ARG A 208 18.72 13.98 7.24
C ARG A 208 18.59 13.33 5.87
N ARG A 209 19.63 12.62 5.43
CA ARG A 209 19.59 12.00 4.10
C ARG A 209 18.76 10.74 4.06
N LYS A 210 18.48 10.12 5.21
CA LYS A 210 17.75 8.86 5.25
C LYS A 210 16.27 9.05 5.58
N TRP A 211 15.96 9.66 6.72
CA TRP A 211 14.56 9.82 7.12
C TRP A 211 13.81 10.80 6.24
N ILE A 212 14.49 11.51 5.34
CA ILE A 212 13.81 12.42 4.43
C ILE A 212 13.13 11.66 3.29
N GLN A 213 13.56 10.43 3.01
CA GLN A 213 12.98 9.67 1.90
C GLN A 213 11.52 9.35 2.13
N CYS A 214 11.13 9.11 3.39
CA CYS A 214 9.75 8.73 3.69
C CYS A 214 8.76 9.85 3.38
N PHE A 215 9.24 11.09 3.21
CA PHE A 215 8.37 12.23 2.96
C PHE A 215 8.14 12.49 1.47
N ASN A 216 8.23 11.45 0.63
CA ASN A 216 7.93 11.62 -0.78
C ASN A 216 6.42 11.63 -0.99
N ASP A 217 6.01 12.11 -2.16
CA ASP A 217 4.62 12.24 -2.57
C ASP A 217 3.85 13.26 -1.74
N VAL A 218 4.53 14.02 -0.89
CA VAL A 218 3.87 15.04 -0.07
C VAL A 218 3.45 16.20 -0.97
N THR A 219 2.60 17.08 -0.45
CA THR A 219 2.10 18.19 -1.25
C THR A 219 3.21 19.17 -1.56
N ALA A 220 3.98 19.58 -0.56
CA ALA A 220 5.05 20.55 -0.76
C ALA A 220 6.01 20.52 0.42
N ILE A 221 7.16 21.14 0.22
CA ILE A 221 8.20 21.26 1.24
C ILE A 221 8.49 22.74 1.44
N ILE A 222 8.31 23.20 2.68
CA ILE A 222 8.52 24.59 3.05
C ILE A 222 9.86 24.68 3.77
N PHE A 223 10.85 25.27 3.11
CA PHE A 223 12.18 25.47 3.68
C PHE A 223 12.27 26.86 4.29
N VAL A 224 12.70 26.93 5.54
CA VAL A 224 12.83 28.18 6.27
C VAL A 224 14.32 28.56 6.32
N VAL A 225 14.60 29.85 6.20
CA VAL A 225 15.97 30.34 6.22
C VAL A 225 15.98 31.73 6.85
N ASP A 226 17.01 31.99 7.65
CA ASP A 226 17.18 33.29 8.30
C ASP A 226 17.84 34.23 7.30
N SER A 227 17.02 34.96 6.55
CA SER A 227 17.52 35.88 5.54
C SER A 227 18.24 37.08 6.13
N SER A 228 18.12 37.31 7.43
CA SER A 228 18.78 38.44 8.08
C SER A 228 20.21 38.11 8.49
N ASP A 229 20.39 36.97 9.17
CA ASP A 229 21.72 36.56 9.62
C ASP A 229 22.53 36.10 8.41
N TYR A 230 23.46 36.94 7.96
CA TYR A 230 24.27 36.60 6.80
C TYR A 230 25.27 35.48 7.11
N ASN A 231 25.65 35.31 8.37
CA ASN A 231 26.61 34.28 8.71
C ASN A 231 26.07 32.88 8.40
N ARG A 232 24.85 32.61 8.83
CA ARG A 232 24.23 31.31 8.60
C ARG A 232 23.60 31.19 7.22
N LEU A 233 23.69 32.22 6.39
CA LEU A 233 23.09 32.15 5.06
C LEU A 233 23.79 31.10 4.20
N GLN A 234 25.10 30.96 4.35
CA GLN A 234 25.84 29.96 3.59
C GLN A 234 25.36 28.55 3.92
N GLU A 235 25.25 28.24 5.22
CA GLU A 235 24.76 26.93 5.61
C GLU A 235 23.33 26.71 5.17
N ALA A 236 22.51 27.77 5.20
CA ALA A 236 21.14 27.64 4.75
C ALA A 236 21.08 27.31 3.26
N LEU A 237 21.89 27.98 2.44
CA LEU A 237 21.92 27.69 1.02
C LEU A 237 22.45 26.27 0.78
N ASN A 238 23.45 25.84 1.55
CA ASN A 238 23.95 24.49 1.42
C ASN A 238 22.87 23.47 1.71
N ASP A 239 22.13 23.66 2.80
CA ASP A 239 21.06 22.74 3.14
C ASP A 239 19.95 22.75 2.08
N PHE A 240 19.64 23.93 1.55
CA PHE A 240 18.62 24.01 0.51
C PHE A 240 19.05 23.26 -0.74
N LYS A 241 20.32 23.43 -1.14
CA LYS A 241 20.82 22.71 -2.31
C LYS A 241 20.83 21.20 -2.06
N SER A 242 21.18 20.78 -0.84
CA SER A 242 21.16 19.35 -0.52
C SER A 242 19.75 18.79 -0.59
N ILE A 243 18.77 19.52 -0.06
CA ILE A 243 17.39 19.05 -0.09
C ILE A 243 16.81 19.11 -1.50
N TRP A 244 17.33 19.99 -2.37
CA TRP A 244 16.80 20.12 -3.71
C TRP A 244 17.34 19.03 -4.62
N ASN A 245 18.64 18.77 -4.56
CA ASN A 245 19.29 17.76 -5.40
C ASN A 245 19.11 16.35 -4.87
N ASN A 246 18.25 16.14 -3.89
CA ASN A 246 18.04 14.80 -3.35
C ASN A 246 17.42 13.90 -4.42
N ARG A 247 17.87 12.64 -4.44
CA ARG A 247 17.38 11.71 -5.44
C ARG A 247 15.93 11.31 -5.21
N TRP A 248 15.52 11.22 -3.94
CA TRP A 248 14.15 10.80 -3.64
C TRP A 248 13.18 11.98 -3.73
N LEU A 249 13.59 13.16 -3.26
CA LEU A 249 12.78 14.37 -3.36
C LEU A 249 12.99 15.10 -4.67
N ARG A 250 13.52 14.42 -5.70
CA ARG A 250 13.78 15.08 -6.97
C ARG A 250 12.50 15.59 -7.61
N THR A 251 11.36 14.94 -7.34
CA THR A 251 10.08 15.31 -7.93
C THR A 251 9.14 15.97 -6.93
N ILE A 252 9.69 16.61 -5.90
CA ILE A 252 8.90 17.25 -4.86
C ILE A 252 9.26 18.73 -4.84
N SER A 253 8.24 19.58 -4.96
CA SER A 253 8.47 21.02 -4.92
C SER A 253 8.98 21.44 -3.55
N VAL A 254 9.72 22.55 -3.52
CA VAL A 254 10.34 23.06 -2.30
C VAL A 254 9.97 24.53 -2.20
N ILE A 255 8.94 24.83 -1.41
CA ILE A 255 8.57 26.22 -1.15
C ILE A 255 9.61 26.86 -0.24
N LEU A 256 9.78 28.17 -0.36
CA LEU A 256 10.78 28.90 0.41
C LEU A 256 10.13 30.15 0.99
N PHE A 257 10.26 30.34 2.30
CA PHE A 257 9.76 31.51 3.00
C PHE A 257 10.95 32.21 3.65
N LEU A 258 11.37 33.34 3.07
CA LEU A 258 12.49 34.11 3.60
C LEU A 258 11.99 34.89 4.81
N ASN A 259 11.77 34.16 5.90
CA ASN A 259 11.26 34.75 7.12
C ASN A 259 12.24 35.78 7.68
N LYS A 260 11.77 36.56 8.65
CA LYS A 260 12.58 37.58 9.32
C LYS A 260 13.00 38.67 8.34
N GLN A 261 12.01 39.24 7.66
CA GLN A 261 12.28 40.32 6.71
C GLN A 261 12.55 41.64 7.41
N ASP A 262 11.88 41.91 8.52
CA ASP A 262 12.11 43.15 9.24
C ASP A 262 13.54 43.22 9.78
N LEU A 263 14.05 42.11 10.31
CA LEU A 263 15.42 42.08 10.81
C LEU A 263 16.41 42.31 9.68
N LEU A 264 16.20 41.67 8.53
CA LEU A 264 17.07 41.88 7.39
C LEU A 264 17.05 43.33 6.93
N ALA A 265 15.85 43.93 6.89
CA ALA A 265 15.75 45.33 6.48
C ALA A 265 16.51 46.25 7.45
N GLU A 266 16.29 46.04 8.76
CA GLU A 266 16.99 46.86 9.74
C GLU A 266 18.49 46.69 9.63
N LYS A 267 18.95 45.46 9.40
CA LYS A 267 20.38 45.20 9.31
C LYS A 267 20.98 45.88 8.09
N VAL A 268 20.35 45.73 6.93
CA VAL A 268 20.88 46.33 5.71
C VAL A 268 20.76 47.85 5.74
N LEU A 269 19.82 48.40 6.53
CA LEU A 269 19.73 49.85 6.67
C LEU A 269 20.78 50.39 7.62
N ALA A 270 21.08 49.65 8.70
CA ALA A 270 22.10 50.10 9.64
C ALA A 270 23.47 50.19 8.98
N GLY A 271 23.71 49.39 7.95
CA GLY A 271 24.98 49.42 7.24
C GLY A 271 26.13 48.78 7.99
N LYS A 272 25.92 48.27 9.20
CA LYS A 272 27.01 47.66 9.96
C LYS A 272 27.37 46.28 9.42
N SER A 273 26.43 45.59 8.79
CA SER A 273 26.65 44.27 8.22
C SER A 273 26.27 44.30 6.75
N LYS A 274 27.26 44.10 5.89
CA LYS A 274 27.08 44.12 4.44
C LYS A 274 27.21 42.72 3.87
N ILE A 275 26.32 42.36 2.95
CA ILE A 275 26.37 41.05 2.32
C ILE A 275 27.64 40.89 1.48
N GLU A 276 28.24 41.99 1.05
CA GLU A 276 29.46 41.91 0.24
C GLU A 276 30.58 41.20 1.00
N ASP A 277 30.60 41.34 2.33
CA ASP A 277 31.66 40.71 3.12
C ASP A 277 31.66 39.20 2.96
N TYR A 278 30.49 38.60 2.72
CA TYR A 278 30.37 37.15 2.57
C TYR A 278 30.24 36.71 1.13
N PHE A 279 29.53 37.48 0.30
CA PHE A 279 29.31 37.13 -1.11
C PHE A 279 29.91 38.22 -2.00
N PRO A 280 30.98 37.94 -2.75
CA PRO A 280 31.53 38.98 -3.62
C PRO A 280 30.61 39.36 -4.76
N GLU A 281 29.79 38.43 -5.25
CA GLU A 281 28.85 38.75 -6.33
C GLU A 281 27.92 39.88 -5.94
N PHE A 282 27.65 40.05 -4.65
CA PHE A 282 26.79 41.14 -4.20
C PHE A 282 27.36 42.51 -4.59
N ALA A 283 28.67 42.61 -4.79
CA ALA A 283 29.26 43.88 -5.18
C ALA A 283 29.08 44.18 -6.66
N ARG A 284 28.95 43.14 -7.49
CA ARG A 284 28.77 43.29 -8.93
C ARG A 284 27.38 42.84 -9.38
N TYR A 285 26.39 42.92 -8.49
CA TYR A 285 25.03 42.51 -8.79
C TYR A 285 24.17 43.75 -8.99
N THR A 286 23.52 43.83 -10.14
CA THR A 286 22.64 44.94 -10.46
C THR A 286 21.19 44.61 -10.07
N THR A 287 20.46 45.63 -9.67
CA THR A 287 19.07 45.43 -9.28
C THR A 287 18.27 44.93 -10.48
N PRO A 288 17.42 43.92 -10.32
CA PRO A 288 16.61 43.45 -11.45
C PRO A 288 15.78 44.57 -12.06
N GLU A 289 15.71 44.59 -13.39
CA GLU A 289 14.94 45.62 -14.07
C GLU A 289 13.44 45.34 -13.96
N ASP A 290 13.05 44.06 -13.97
CA ASP A 290 11.65 43.67 -13.84
C ASP A 290 11.21 43.52 -12.39
N ALA A 291 11.95 44.12 -11.45
CA ALA A 291 11.60 44.00 -10.05
C ALA A 291 10.27 44.67 -9.76
N THR A 292 9.76 44.46 -8.54
CA THR A 292 8.50 45.04 -8.08
C THR A 292 8.69 45.53 -6.65
N PRO A 293 9.42 46.64 -6.46
CA PRO A 293 9.64 47.14 -5.11
C PRO A 293 8.33 47.46 -4.41
N GLU A 294 8.20 46.99 -3.16
CA GLU A 294 7.01 47.27 -2.38
C GLU A 294 7.02 48.73 -1.92
N PRO A 295 5.84 49.30 -1.66
CA PRO A 295 5.80 50.71 -1.24
C PRO A 295 6.46 50.90 0.12
N GLY A 296 7.37 51.87 0.19
CA GLY A 296 8.06 52.19 1.42
C GLY A 296 9.33 51.42 1.67
N GLU A 297 9.82 50.67 0.69
CA GLU A 297 11.04 49.89 0.85
C GLU A 297 12.24 50.70 0.34
N ASP A 298 13.32 50.65 1.11
CA ASP A 298 14.54 51.33 0.73
C ASP A 298 15.22 50.59 -0.43
N PRO A 299 15.85 51.31 -1.37
CA PRO A 299 16.51 50.62 -2.48
C PRO A 299 17.48 49.54 -2.04
N ARG A 300 18.19 49.74 -0.93
CA ARG A 300 19.12 48.72 -0.46
C ARG A 300 18.40 47.46 -0.01
N VAL A 301 17.29 47.62 0.72
CA VAL A 301 16.51 46.46 1.16
C VAL A 301 16.01 45.69 -0.05
N THR A 302 15.45 46.40 -1.03
CA THR A 302 14.94 45.75 -2.24
C THR A 302 16.06 45.00 -2.96
N ARG A 303 17.21 45.66 -3.13
CA ARG A 303 18.31 45.02 -3.84
C ARG A 303 18.78 43.77 -3.11
N ALA A 304 18.89 43.84 -1.77
CA ALA A 304 19.35 42.69 -1.01
C ALA A 304 18.37 41.53 -1.11
N LYS A 305 17.08 41.81 -0.93
CA LYS A 305 16.09 40.74 -0.99
C LYS A 305 16.03 40.13 -2.39
N TYR A 306 16.15 40.96 -3.43
CA TYR A 306 16.12 40.42 -4.79
C TYR A 306 17.38 39.62 -5.10
N PHE A 307 18.54 40.03 -4.57
CA PHE A 307 19.74 39.23 -4.74
C PHE A 307 19.59 37.88 -4.05
N ILE A 308 19.03 37.86 -2.84
CA ILE A 308 18.81 36.60 -2.14
C ILE A 308 17.87 35.71 -2.95
N ARG A 309 16.77 36.29 -3.46
CA ARG A 309 15.82 35.50 -4.23
C ARG A 309 16.46 34.98 -5.51
N LYS A 310 17.31 35.78 -6.16
CA LYS A 310 17.97 35.34 -7.37
C LYS A 310 18.94 34.19 -7.08
N GLU A 311 19.69 34.29 -5.98
CA GLU A 311 20.57 33.20 -5.59
C GLU A 311 19.77 31.92 -5.33
N PHE A 312 18.65 32.03 -4.63
CA PHE A 312 17.84 30.85 -4.36
C PHE A 312 17.27 30.26 -5.65
N VAL A 313 16.79 31.11 -6.55
CA VAL A 313 16.24 30.62 -7.81
C VAL A 313 17.32 29.97 -8.66
N ASP A 314 18.55 30.48 -8.60
CA ASP A 314 19.64 29.87 -9.35
C ASP A 314 20.00 28.52 -8.75
N ILE A 315 20.02 28.41 -7.43
CA ILE A 315 20.31 27.12 -6.79
C ILE A 315 19.19 26.13 -7.07
N SER A 316 17.95 26.62 -7.25
CA SER A 316 16.83 25.72 -7.49
C SER A 316 16.80 25.24 -8.94
N THR A 317 16.76 26.17 -9.89
CA THR A 317 16.65 25.80 -11.30
C THR A 317 17.78 24.88 -11.74
N ALA A 318 18.91 24.90 -11.02
CA ALA A 318 20.02 24.01 -11.35
C ALA A 318 19.56 22.56 -11.33
N SER A 319 19.57 21.91 -12.49
CA SER A 319 19.14 20.51 -12.62
C SER A 319 17.66 20.35 -12.24
N GLY A 320 16.86 21.40 -12.48
CA GLY A 320 15.45 21.31 -12.14
C GLY A 320 14.66 20.45 -13.12
N ASP A 321 14.86 20.69 -14.41
CA ASP A 321 14.21 19.96 -15.50
C ASP A 321 12.71 20.17 -15.55
N GLY A 322 12.18 21.13 -14.79
CA GLY A 322 10.76 21.42 -14.78
C GLY A 322 9.93 20.49 -13.93
N ARG A 323 10.40 19.27 -13.66
CA ARG A 323 9.65 18.34 -12.82
C ARG A 323 9.36 18.94 -11.45
N HIS A 324 10.22 19.84 -10.97
CA HIS A 324 10.00 20.53 -9.71
C HIS A 324 10.59 21.92 -9.80
N ILE A 325 9.82 22.91 -9.37
CA ILE A 325 10.24 24.30 -9.40
C ILE A 325 10.08 24.91 -8.01
N CYS A 326 10.92 25.88 -7.70
CA CYS A 326 10.90 26.53 -6.40
C CYS A 326 9.86 27.65 -6.38
N TYR A 327 9.37 27.95 -5.17
CA TYR A 327 8.39 29.01 -4.95
C TYR A 327 8.91 29.88 -3.80
N PRO A 328 9.69 30.92 -4.11
CA PRO A 328 10.14 31.83 -3.06
C PRO A 328 9.09 32.88 -2.74
N HIS A 329 8.95 33.20 -1.45
CA HIS A 329 8.02 34.22 -1.00
C HIS A 329 8.60 34.92 0.22
N PHE A 330 8.59 36.24 0.20
CA PHE A 330 9.10 37.05 1.30
C PHE A 330 8.05 37.09 2.41
N THR A 331 8.30 36.38 3.50
CA THR A 331 7.38 36.28 4.62
C THR A 331 7.88 37.14 5.78
N CYS A 332 6.99 37.97 6.32
CA CYS A 332 7.34 38.80 7.46
C CYS A 332 7.14 38.03 8.76
N SER A 333 7.47 38.67 9.89
CA SER A 333 7.33 38.04 11.19
C SER A 333 5.94 38.17 11.78
N VAL A 334 5.11 39.09 11.27
CA VAL A 334 3.77 39.30 11.79
C VAL A 334 2.70 39.21 10.70
N ASP A 335 3.09 39.04 9.44
CA ASP A 335 2.13 38.97 8.35
C ASP A 335 1.13 37.82 8.57
N THR A 336 -0.14 38.15 8.78
CA THR A 336 -1.14 37.12 8.99
C THR A 336 -1.37 36.29 7.74
N GLU A 337 -1.10 36.86 6.56
CA GLU A 337 -1.27 36.15 5.29
C GLU A 337 -0.10 35.18 5.06
N ASN A 338 0.04 34.24 5.99
CA ASN A 338 1.12 33.26 5.95
C ASN A 338 0.66 31.93 5.36
N ALA A 339 -0.46 31.40 5.83
CA ALA A 339 -1.00 30.17 5.25
C ALA A 339 -1.53 30.40 3.84
N ARG A 340 -1.96 31.64 3.54
CA ARG A 340 -2.41 31.95 2.20
C ARG A 340 -1.30 31.72 1.18
N ARG A 341 -0.05 31.97 1.58
CA ARG A 341 1.08 31.68 0.70
C ARG A 341 1.19 30.19 0.43
N ILE A 342 1.05 29.36 1.48
CA ILE A 342 1.05 27.92 1.29
C ILE A 342 -0.05 27.51 0.32
N PHE A 343 -1.24 28.09 0.49
CA PHE A 343 -2.36 27.74 -0.39
C PHE A 343 -2.05 28.10 -1.83
N ASN A 344 -1.59 29.33 -2.07
CA ASN A 344 -1.31 29.77 -3.44
C ASN A 344 -0.20 28.97 -4.07
N ASP A 345 0.79 28.53 -3.28
CA ASP A 345 1.88 27.73 -3.84
C ASP A 345 1.43 26.32 -4.15
N CYS A 346 0.73 25.67 -3.22
CA CYS A 346 0.25 24.32 -3.44
C CYS A 346 -0.75 24.26 -4.58
N LYS A 347 -1.53 25.33 -4.79
CA LYS A 347 -2.46 25.35 -5.90
C LYS A 347 -1.73 25.21 -7.22
N ASP A 348 -0.69 26.04 -7.43
CA ASP A 348 0.10 25.94 -8.65
C ASP A 348 0.83 24.60 -8.73
N ILE A 349 1.31 24.10 -7.60
CA ILE A 349 2.01 22.82 -7.60
C ILE A 349 1.10 21.71 -8.11
N ILE A 350 -0.11 21.64 -7.55
CA ILE A 350 -1.06 20.60 -7.96
C ILE A 350 -1.51 20.84 -9.40
N LEU A 351 -1.62 22.10 -9.81
CA LEU A 351 -1.98 22.41 -11.19
C LEU A 351 -0.96 21.83 -12.16
N GLN A 352 0.33 22.07 -11.90
CA GLN A 352 1.37 21.52 -12.76
C GLN A 352 1.42 20.00 -12.66
N MET A 353 1.17 19.44 -11.47
CA MET A 353 1.19 17.99 -11.32
C MET A 353 0.07 17.32 -12.10
N ASN A 354 -1.09 17.98 -12.19
CA ASN A 354 -2.22 17.47 -12.95
C ASN A 354 -2.11 17.77 -14.43
N LEU A 355 -1.35 18.80 -14.83
CA LEU A 355 -1.07 19.05 -16.23
C LEU A 355 -0.05 18.05 -16.78
N ARG A 356 0.93 17.67 -15.96
CA ARG A 356 1.92 16.69 -16.39
C ARG A 356 1.33 15.29 -16.43
N GLU A 357 0.75 14.85 -15.32
CA GLU A 357 0.25 13.48 -15.22
C GLU A 357 -0.85 13.18 -16.23
N TYR A 358 -1.66 14.18 -16.59
CA TYR A 358 -2.76 13.98 -17.54
C TYR A 358 -2.37 14.35 -18.97
N ASN A 359 -1.09 14.59 -19.23
CA ASN A 359 -0.58 14.84 -20.58
C ASN A 359 -1.26 16.07 -21.19
N LEU A 360 -1.00 17.23 -20.57
CA LEU A 360 -1.46 18.51 -21.10
C LEU A 360 -0.35 19.56 -21.11
N VAL A 361 0.88 19.19 -20.75
CA VAL A 361 1.98 20.14 -20.74
C VAL A 361 3.31 19.42 -20.96
N GLU B 14 49.25 12.56 23.17
CA GLU B 14 48.13 11.66 23.56
C GLU B 14 47.23 11.35 22.37
N LEU B 15 46.55 12.38 21.87
CA LEU B 15 45.64 12.18 20.74
C LEU B 15 46.36 11.56 19.56
N ASP B 16 47.57 12.04 19.25
CA ASP B 16 48.31 11.50 18.11
C ASP B 16 48.72 10.05 18.39
N GLN B 17 49.19 9.77 19.60
CA GLN B 17 49.58 8.40 19.94
C GLN B 17 48.38 7.47 19.90
N LEU B 18 47.23 7.92 20.40
CA LEU B 18 46.02 7.09 20.35
C LEU B 18 45.58 6.84 18.91
N ARG B 19 45.65 7.87 18.06
CA ARG B 19 45.29 7.67 16.66
C ARG B 19 46.24 6.69 15.98
N GLN B 20 47.54 6.80 16.25
CA GLN B 20 48.49 5.86 15.66
C GLN B 20 48.22 4.44 16.15
N GLU B 21 47.91 4.28 17.44
CA GLU B 21 47.63 2.95 17.97
C GLU B 21 46.37 2.38 17.33
N ALA B 22 45.34 3.22 17.14
CA ALA B 22 44.11 2.75 16.50
C ALA B 22 44.38 2.33 15.06
N GLU B 23 45.17 3.12 14.33
CA GLU B 23 45.51 2.76 12.96
C GLU B 23 46.29 1.45 12.91
N GLN B 24 47.23 1.26 13.84
CA GLN B 24 48.00 0.02 13.88
C GLN B 24 47.10 -1.17 14.18
N LEU B 25 46.16 -1.01 15.11
CA LEU B 25 45.23 -2.09 15.42
C LEU B 25 44.34 -2.40 14.21
N LYS B 26 43.88 -1.37 13.50
CA LYS B 26 43.08 -1.62 12.30
C LYS B 26 43.88 -2.36 11.25
N ASN B 27 45.14 -1.97 11.05
CA ASN B 27 45.98 -2.68 10.08
C ASN B 27 46.22 -4.12 10.50
N GLN B 28 46.41 -4.36 11.80
CA GLN B 28 46.61 -5.73 12.28
C GLN B 28 45.34 -6.56 12.06
N ILE B 29 44.18 -5.99 12.34
CA ILE B 29 42.93 -6.70 12.12
C ILE B 29 42.75 -7.01 10.63
N ARG B 30 43.09 -6.05 9.78
CA ARG B 30 42.98 -6.29 8.34
C ARG B 30 43.92 -7.41 7.90
N ASP B 31 45.15 -7.41 8.41
CA ASP B 31 46.10 -8.46 8.05
C ASP B 31 45.62 -9.82 8.54
N ALA B 32 45.07 -9.88 9.75
CA ALA B 32 44.56 -11.14 10.28
C ALA B 32 43.38 -11.64 9.46
N ARG B 33 42.49 -10.73 9.05
CA ARG B 33 41.35 -11.11 8.23
C ARG B 33 41.80 -11.57 6.84
N LYS B 34 42.87 -10.98 6.30
CA LYS B 34 43.37 -11.40 5.00
C LYS B 34 44.07 -12.76 5.10
N ALA B 35 44.73 -13.02 6.22
CA ALA B 35 45.40 -14.31 6.38
C ALA B 35 44.40 -15.45 6.41
N CYS B 36 43.26 -15.25 7.08
CA CYS B 36 42.22 -16.26 7.13
C CYS B 36 41.43 -16.39 5.84
N ALA B 37 41.62 -15.46 4.89
CA ALA B 37 40.92 -15.50 3.61
C ALA B 37 41.62 -16.48 2.68
N ASP B 38 41.53 -17.76 3.05
CA ASP B 38 42.16 -18.81 2.25
C ASP B 38 41.61 -18.82 0.83
N ALA B 39 40.31 -18.56 0.68
CA ALA B 39 39.69 -18.53 -0.63
C ALA B 39 38.30 -17.93 -0.49
N THR B 40 37.69 -17.62 -1.62
CA THR B 40 36.36 -17.03 -1.65
C THR B 40 35.29 -18.13 -1.70
N LEU B 41 34.06 -17.75 -1.38
CA LEU B 41 32.96 -18.69 -1.39
C LEU B 41 32.69 -19.24 -2.78
N SER B 42 33.08 -18.50 -3.83
CA SER B 42 32.83 -18.97 -5.19
C SER B 42 33.57 -20.27 -5.48
N GLN B 43 34.86 -20.32 -5.15
CA GLN B 43 35.65 -21.51 -5.44
C GLN B 43 35.03 -22.76 -4.84
N ILE B 44 34.37 -22.64 -3.70
CA ILE B 44 33.78 -23.80 -3.04
C ILE B 44 32.34 -24.04 -3.49
N THR B 45 31.64 -23.01 -3.94
CA THR B 45 30.26 -23.13 -4.39
C THR B 45 30.15 -23.36 -5.90
N ASN B 46 31.24 -23.74 -6.55
CA ASN B 46 31.22 -24.05 -7.98
C ASN B 46 30.90 -25.51 -8.27
N ASN B 47 31.11 -26.40 -7.31
CA ASN B 47 30.83 -27.81 -7.51
C ASN B 47 29.38 -28.16 -7.19
N ILE B 48 28.72 -27.41 -6.31
CA ILE B 48 27.33 -27.68 -5.99
C ILE B 48 26.48 -27.59 -7.24
N ASP B 49 25.47 -28.45 -7.34
CA ASP B 49 24.59 -28.45 -8.49
C ASP B 49 23.86 -27.11 -8.59
N PRO B 50 23.43 -26.73 -9.79
CA PRO B 50 22.72 -25.45 -9.95
C PRO B 50 21.34 -25.50 -9.33
N VAL B 51 20.88 -24.33 -8.89
CA VAL B 51 19.57 -24.25 -8.25
C VAL B 51 18.45 -24.08 -9.28
N GLY B 52 18.76 -23.62 -10.48
CA GLY B 52 17.74 -23.41 -11.49
C GLY B 52 16.94 -22.15 -11.25
N ARG B 53 15.92 -21.95 -12.09
CA ARG B 53 15.06 -20.79 -11.99
C ARG B 53 13.96 -21.04 -10.97
N ILE B 54 13.77 -20.09 -10.05
CA ILE B 54 12.71 -20.17 -9.05
C ILE B 54 11.63 -19.16 -9.42
N GLN B 55 10.63 -19.61 -10.16
CA GLN B 55 9.53 -18.75 -10.62
C GLN B 55 8.42 -18.81 -9.59
N MET B 56 8.36 -17.81 -8.72
CA MET B 56 7.33 -17.72 -7.70
C MET B 56 6.13 -16.96 -8.25
N ARG B 57 4.94 -17.50 -8.00
CA ARG B 57 3.69 -16.89 -8.44
C ARG B 57 2.96 -16.29 -7.26
N THR B 58 2.17 -15.25 -7.54
CA THR B 58 1.42 -14.55 -6.50
C THR B 58 0.21 -15.38 -6.10
N ARG B 59 0.16 -15.82 -4.84
CA ARG B 59 -0.98 -16.59 -4.35
C ARG B 59 -2.02 -15.71 -3.68
N ARG B 60 -1.62 -14.60 -3.06
CA ARG B 60 -2.53 -13.71 -2.38
C ARG B 60 -2.25 -12.28 -2.81
N THR B 61 -3.28 -11.43 -2.71
CA THR B 61 -3.18 -10.02 -3.06
C THR B 61 -3.92 -9.21 -2.02
N LEU B 62 -3.21 -8.37 -1.29
CA LEU B 62 -3.79 -7.54 -0.23
C LEU B 62 -4.08 -6.15 -0.77
N ARG B 63 -5.28 -5.64 -0.49
CA ARG B 63 -5.72 -4.33 -0.96
C ARG B 63 -6.32 -3.51 0.17
N GLY B 64 -5.78 -3.65 1.38
CA GLY B 64 -6.32 -2.95 2.53
C GLY B 64 -5.51 -1.74 2.92
N HIS B 65 -4.19 -1.78 2.72
CA HIS B 65 -3.34 -0.67 3.11
C HIS B 65 -3.75 0.60 2.37
N LEU B 66 -3.59 1.73 3.05
CA LEU B 66 -3.92 3.04 2.50
C LEU B 66 -2.70 3.78 1.96
N ALA B 67 -1.64 3.86 2.75
CA ALA B 67 -0.42 4.55 2.39
C ALA B 67 0.68 3.54 2.08
N LYS B 68 1.88 4.05 1.82
CA LYS B 68 3.01 3.19 1.46
C LYS B 68 3.32 2.22 2.60
N ILE B 69 3.39 0.93 2.27
CA ILE B 69 3.79 -0.07 3.25
C ILE B 69 5.29 0.06 3.50
N TYR B 70 5.66 0.23 4.77
CA TYR B 70 7.04 0.51 5.13
C TYR B 70 7.61 -0.46 6.15
N ALA B 71 6.93 -1.57 6.42
CA ALA B 71 7.45 -2.55 7.37
C ALA B 71 6.60 -3.81 7.28
N MET B 72 7.17 -4.91 7.79
CA MET B 72 6.50 -6.20 7.80
C MET B 72 7.34 -7.15 8.62
N HIS B 73 6.74 -8.28 9.00
CA HIS B 73 7.43 -9.30 9.79
C HIS B 73 6.52 -10.52 9.90
N TRP B 74 7.14 -11.67 10.15
CA TRP B 74 6.42 -12.92 10.33
C TRP B 74 6.59 -13.38 11.78
N GLY B 75 5.47 -13.58 12.46
CA GLY B 75 5.48 -14.05 13.82
C GLY B 75 5.70 -15.56 13.90
N THR B 76 5.57 -16.07 15.12
CA THR B 76 5.74 -17.51 15.34
C THR B 76 4.81 -18.32 14.45
N ASP B 77 3.60 -17.82 14.20
CA ASP B 77 2.65 -18.50 13.33
C ASP B 77 2.80 -17.97 11.91
N SER B 78 3.00 -18.88 10.96
CA SER B 78 3.20 -18.50 9.56
C SER B 78 1.90 -18.09 8.88
N ARG B 79 0.79 -17.99 9.60
CA ARG B 79 -0.49 -17.61 9.01
C ARG B 79 -0.80 -16.13 9.16
N LEU B 80 -0.38 -15.50 10.26
CA LEU B 80 -0.63 -14.09 10.49
C LEU B 80 0.57 -13.28 9.98
N LEU B 81 0.26 -12.15 9.35
CA LEU B 81 1.29 -11.29 8.75
C LEU B 81 1.04 -9.85 9.17
N VAL B 82 2.01 -9.26 9.87
CA VAL B 82 1.91 -7.87 10.29
C VAL B 82 2.49 -6.97 9.21
N SER B 83 1.83 -5.84 8.96
CA SER B 83 2.30 -4.89 7.95
C SER B 83 1.91 -3.49 8.37
N ALA B 84 2.87 -2.56 8.32
CA ALA B 84 2.67 -1.18 8.72
C ALA B 84 2.67 -0.27 7.49
N SER B 85 1.76 0.70 7.48
CA SER B 85 1.66 1.67 6.39
C SER B 85 2.03 3.05 6.89
N GLN B 86 2.50 3.89 5.97
CA GLN B 86 2.97 5.23 6.30
C GLN B 86 1.87 6.16 6.78
N ASP B 87 0.62 5.71 6.85
CA ASP B 87 -0.47 6.51 7.38
C ASP B 87 -0.73 6.26 8.86
N GLY B 88 0.17 5.55 9.54
CA GLY B 88 -0.02 5.24 10.93
C GLY B 88 -1.05 4.15 11.15
N LYS B 89 -0.92 3.05 10.41
CA LYS B 89 -1.88 1.95 10.46
C LYS B 89 -1.13 0.63 10.39
N LEU B 90 -1.34 -0.21 11.40
CA LEU B 90 -0.84 -1.57 11.39
C LEU B 90 -1.99 -2.51 11.03
N ILE B 91 -1.68 -3.56 10.26
CA ILE B 91 -2.69 -4.51 9.82
C ILE B 91 -2.10 -5.92 9.97
N ILE B 92 -2.79 -6.77 10.71
CA ILE B 92 -2.45 -8.18 10.83
C ILE B 92 -3.40 -8.93 9.92
N TRP B 93 -2.88 -9.42 8.80
CA TRP B 93 -3.64 -10.14 7.80
C TRP B 93 -3.54 -11.65 8.03
N ASP B 94 -4.57 -12.37 7.59
CA ASP B 94 -4.56 -13.82 7.54
C ASP B 94 -4.04 -14.24 6.18
N SER B 95 -2.81 -14.74 6.13
CA SER B 95 -2.18 -15.06 4.85
C SER B 95 -2.99 -16.09 4.08
N TYR B 96 -3.58 -17.07 4.78
CA TYR B 96 -4.31 -18.13 4.09
C TYR B 96 -5.61 -17.62 3.50
N THR B 97 -6.49 -17.09 4.35
CA THR B 97 -7.81 -16.64 3.91
C THR B 97 -7.82 -15.22 3.38
N THR B 98 -6.71 -14.49 3.51
CA THR B 98 -6.56 -13.10 3.06
C THR B 98 -7.34 -12.13 3.92
N ASN B 99 -8.08 -12.60 4.93
CA ASN B 99 -8.88 -11.70 5.75
C ASN B 99 -7.99 -10.85 6.64
N LYS B 100 -8.57 -9.77 7.15
CA LYS B 100 -7.87 -8.85 8.06
C LYS B 100 -8.12 -9.29 9.49
N VAL B 101 -7.10 -9.86 10.13
CA VAL B 101 -7.28 -10.36 11.49
C VAL B 101 -7.35 -9.19 12.48
N HIS B 102 -6.51 -8.18 12.28
CA HIS B 102 -6.49 -7.04 13.19
C HIS B 102 -6.13 -5.76 12.44
N ALA B 103 -6.66 -4.65 12.92
CA ALA B 103 -6.34 -3.32 12.40
C ALA B 103 -6.11 -2.39 13.58
N ILE B 104 -4.94 -1.76 13.62
CA ILE B 104 -4.51 -0.92 14.73
C ILE B 104 -4.22 0.47 14.19
N PRO B 105 -4.97 1.51 14.60
CA PRO B 105 -4.60 2.88 14.22
C PRO B 105 -3.53 3.42 15.15
N LEU B 106 -2.41 3.86 14.58
CA LEU B 106 -1.30 4.38 15.35
C LEU B 106 -1.42 5.88 15.55
N ARG B 107 -0.97 6.36 16.71
CA ARG B 107 -0.97 7.79 16.98
C ARG B 107 0.10 8.52 16.19
N SER B 108 1.07 7.79 15.64
CA SER B 108 2.12 8.36 14.81
C SER B 108 1.88 7.95 13.36
N SER B 109 1.87 8.93 12.46
CA SER B 109 1.62 8.65 11.05
C SER B 109 2.82 8.00 10.38
N TRP B 110 4.03 8.50 10.66
CA TRP B 110 5.24 8.02 10.02
C TRP B 110 5.80 6.83 10.81
N VAL B 111 5.29 5.66 10.49
CA VAL B 111 5.76 4.39 11.06
C VAL B 111 6.62 3.69 10.03
N MET B 112 7.81 3.26 10.46
CA MET B 112 8.77 2.63 9.56
C MET B 112 9.19 1.24 10.00
N THR B 113 8.72 0.75 11.14
CA THR B 113 9.10 -0.56 11.65
C THR B 113 7.89 -1.24 12.28
N CYS B 114 7.88 -2.56 12.21
CA CYS B 114 6.84 -3.35 12.83
C CYS B 114 7.34 -4.78 12.97
N ALA B 115 6.93 -5.43 14.06
CA ALA B 115 7.35 -6.80 14.34
C ALA B 115 6.24 -7.49 15.13
N TYR B 116 6.21 -8.82 15.00
CA TYR B 116 5.22 -9.65 15.68
C TYR B 116 5.94 -10.48 16.74
N ALA B 117 5.52 -10.33 17.99
CA ALA B 117 6.18 -11.03 19.08
C ALA B 117 6.14 -12.54 18.84
N PRO B 118 7.11 -13.29 19.39
CA PRO B 118 7.11 -14.75 19.20
C PRO B 118 5.98 -15.46 19.90
N SER B 119 5.25 -14.79 20.79
CA SER B 119 4.12 -15.41 21.49
C SER B 119 2.79 -15.12 20.80
N GLY B 120 2.77 -14.28 19.77
CA GLY B 120 1.53 -13.97 19.08
C GLY B 120 0.60 -13.06 19.84
N ASN B 121 1.08 -12.39 20.89
CA ASN B 121 0.24 -11.53 21.71
C ASN B 121 0.63 -10.06 21.66
N TYR B 122 1.84 -9.73 21.23
CA TYR B 122 2.32 -8.36 21.23
C TYR B 122 2.88 -8.01 19.85
N VAL B 123 2.71 -6.76 19.46
CA VAL B 123 3.23 -6.24 18.20
C VAL B 123 3.83 -4.86 18.44
N ALA B 124 5.06 -4.66 17.99
CA ALA B 124 5.78 -3.40 18.19
C ALA B 124 5.74 -2.57 16.92
N CYS B 125 5.93 -1.26 17.10
CA CYS B 125 5.99 -0.32 15.99
C CYS B 125 6.70 0.94 16.44
N GLY B 126 7.11 1.73 15.45
CA GLY B 126 7.81 2.97 15.73
C GLY B 126 8.23 3.65 14.45
N GLY B 127 8.86 4.81 14.61
CA GLY B 127 9.31 5.57 13.47
C GLY B 127 9.85 6.94 13.84
N LEU B 128 9.45 7.97 13.09
CA LEU B 128 9.93 9.32 13.35
C LEU B 128 9.47 9.86 14.70
N ASP B 129 8.48 9.23 15.33
CA ASP B 129 8.01 9.70 16.63
C ASP B 129 9.05 9.48 17.73
N ASN B 130 10.04 8.61 17.50
CA ASN B 130 11.07 8.31 18.48
C ASN B 130 10.51 7.64 19.73
N ILE B 131 9.32 7.06 19.63
CA ILE B 131 8.67 6.38 20.73
C ILE B 131 8.20 5.02 20.25
N CYS B 132 8.78 3.96 20.79
CA CYS B 132 8.42 2.60 20.40
C CYS B 132 7.13 2.21 21.12
N SER B 133 6.09 1.90 20.34
CA SER B 133 4.78 1.54 20.88
C SER B 133 4.57 0.05 20.66
N ILE B 134 4.38 -0.69 21.75
CA ILE B 134 4.08 -2.11 21.73
C ILE B 134 2.64 -2.28 22.18
N TYR B 135 1.81 -2.80 21.28
CA TYR B 135 0.40 -3.07 21.54
C TYR B 135 0.21 -4.56 21.82
N ASN B 136 -0.84 -4.86 22.59
CA ASN B 136 -1.20 -6.24 22.91
C ASN B 136 -2.43 -6.65 22.11
N LEU B 137 -2.39 -7.88 21.59
CA LEU B 137 -3.47 -8.39 20.75
C LEU B 137 -4.44 -9.29 21.51
N LYS B 138 -4.01 -9.89 22.62
CA LYS B 138 -4.84 -10.80 23.40
C LYS B 138 -5.39 -10.14 24.65
N THR B 139 -5.70 -8.85 24.58
CA THR B 139 -6.25 -8.14 25.74
C THR B 139 -7.63 -8.67 26.07
N ARG B 140 -7.94 -8.69 27.37
CA ARG B 140 -9.27 -9.12 27.81
C ARG B 140 -10.35 -8.23 27.22
N GLU B 141 -10.04 -6.97 26.95
CA GLU B 141 -11.00 -6.04 26.38
C GLU B 141 -11.21 -6.23 24.89
N GLY B 142 -10.45 -7.13 24.26
CA GLY B 142 -10.60 -7.36 22.81
C GLY B 142 -9.98 -6.30 21.94
N ASN B 143 -10.38 -5.04 22.11
CA ASN B 143 -9.81 -3.97 21.31
C ASN B 143 -8.33 -3.83 21.60
N VAL B 144 -7.59 -3.28 20.63
CA VAL B 144 -6.16 -3.09 20.77
C VAL B 144 -5.90 -1.93 21.71
N ARG B 145 -5.04 -2.17 22.72
CA ARG B 145 -4.71 -1.18 23.73
C ARG B 145 -3.22 -0.89 23.67
N VAL B 146 -2.84 0.32 24.11
CA VAL B 146 -1.45 0.72 24.16
C VAL B 146 -0.80 0.03 25.36
N SER B 147 -0.08 -1.06 25.10
CA SER B 147 0.52 -1.81 26.21
C SER B 147 1.72 -1.07 26.79
N ARG B 148 2.65 -0.65 25.93
CA ARG B 148 3.85 0.05 26.41
C ARG B 148 4.32 1.02 25.33
N GLU B 149 4.20 2.31 25.62
CA GLU B 149 4.70 3.37 24.73
C GLU B 149 5.98 3.93 25.36
N LEU B 150 7.10 3.29 25.06
CA LEU B 150 8.37 3.64 25.68
C LEU B 150 9.12 4.66 24.83
N ALA B 151 9.85 5.55 25.50
CA ALA B 151 10.62 6.60 24.84
C ALA B 151 11.99 6.70 25.49
N GLY B 152 12.84 7.53 24.90
CA GLY B 152 14.18 7.73 25.41
C GLY B 152 15.22 7.89 24.32
N HIS B 153 14.87 7.51 23.10
CA HIS B 153 15.77 7.60 21.97
C HIS B 153 15.61 8.96 21.29
N THR B 154 16.74 9.62 21.04
CA THR B 154 16.75 10.92 20.36
C THR B 154 16.93 10.75 18.86
N GLY B 155 16.06 9.95 18.25
CA GLY B 155 16.15 9.71 16.82
C GLY B 155 15.02 8.79 16.37
N TYR B 156 14.81 8.80 15.06
CA TYR B 156 13.74 7.98 14.48
C TYR B 156 14.05 6.50 14.66
N LEU B 157 13.01 5.72 14.94
CA LEU B 157 13.15 4.28 15.08
C LEU B 157 13.16 3.62 13.70
N SER B 158 14.11 2.72 13.48
CA SER B 158 14.31 2.09 12.18
C SER B 158 13.81 0.66 12.12
N CYS B 159 14.02 -0.13 13.19
CA CYS B 159 13.60 -1.53 13.18
C CYS B 159 13.32 -1.96 14.61
N CYS B 160 12.48 -2.99 14.74
CA CYS B 160 12.11 -3.55 16.03
C CYS B 160 12.06 -5.06 15.92
N ARG B 161 12.50 -5.74 16.98
CA ARG B 161 12.51 -7.20 17.02
C ARG B 161 12.27 -7.66 18.44
N PHE B 162 11.37 -8.63 18.59
CA PHE B 162 11.04 -9.18 19.90
C PHE B 162 11.98 -10.32 20.25
N LEU B 163 12.50 -10.31 21.48
CA LEU B 163 13.32 -11.40 21.99
C LEU B 163 12.53 -12.34 22.89
N ASP B 164 11.49 -11.85 23.55
CA ASP B 164 10.65 -12.65 24.44
C ASP B 164 9.40 -11.83 24.73
N ASP B 165 8.56 -12.34 25.63
CA ASP B 165 7.32 -11.67 26.00
C ASP B 165 7.53 -10.50 26.96
N ASN B 166 8.78 -10.18 27.31
CA ASN B 166 9.04 -9.09 28.24
C ASN B 166 10.18 -8.18 27.81
N GLN B 167 10.97 -8.53 26.79
CA GLN B 167 12.07 -7.70 26.33
C GLN B 167 11.96 -7.50 24.82
N ILE B 168 12.48 -6.37 24.35
CA ILE B 168 12.42 -6.04 22.92
C ILE B 168 13.62 -5.16 22.59
N VAL B 169 14.31 -5.51 21.52
CA VAL B 169 15.45 -4.71 21.03
C VAL B 169 14.94 -3.72 20.00
N THR B 170 15.52 -2.52 20.00
CA THR B 170 15.12 -1.47 19.08
C THR B 170 16.35 -0.70 18.64
N SER B 171 16.28 -0.15 17.43
CA SER B 171 17.33 0.68 16.85
C SER B 171 16.73 2.03 16.47
N SER B 172 17.42 3.10 16.86
CA SER B 172 16.93 4.45 16.62
C SER B 172 17.97 5.25 15.82
N GLY B 173 17.53 6.39 15.31
CA GLY B 173 18.40 7.27 14.54
C GLY B 173 19.49 7.94 15.35
N ASP B 174 19.48 7.77 16.68
CA ASP B 174 20.50 8.35 17.54
C ASP B 174 21.81 7.57 17.52
N THR B 175 21.93 6.57 16.64
CA THR B 175 23.12 5.75 16.44
C THR B 175 23.28 4.70 17.53
N THR B 176 22.39 4.65 18.52
CA THR B 176 22.50 3.72 19.64
C THR B 176 21.28 2.80 19.66
N CYS B 177 21.53 1.50 19.62
CA CYS B 177 20.48 0.51 19.83
C CYS B 177 20.27 0.28 21.32
N ALA B 178 19.12 -0.27 21.67
CA ALA B 178 18.79 -0.48 23.07
C ALA B 178 17.80 -1.62 23.22
N LEU B 179 18.04 -2.46 24.23
CA LEU B 179 17.11 -3.50 24.62
C LEU B 179 16.29 -2.99 25.81
N TRP B 180 14.97 -2.88 25.60
CA TRP B 180 14.05 -2.39 26.60
C TRP B 180 13.26 -3.54 27.20
N ASP B 181 12.74 -3.30 28.41
CA ASP B 181 11.89 -4.25 29.10
C ASP B 181 10.44 -3.78 29.00
N ILE B 182 9.54 -4.68 28.63
CA ILE B 182 8.13 -4.33 28.50
C ILE B 182 7.54 -4.00 29.86
N GLU B 183 7.75 -4.89 30.84
CA GLU B 183 7.17 -4.68 32.16
C GLU B 183 7.69 -3.40 32.79
N THR B 184 9.00 -3.19 32.75
CA THR B 184 9.58 -2.00 33.36
C THR B 184 9.46 -0.78 32.46
N GLY B 185 9.44 -0.98 31.14
CA GLY B 185 9.33 0.14 30.23
C GLY B 185 10.56 1.03 30.16
N GLN B 186 11.74 0.46 30.41
CA GLN B 186 12.98 1.20 30.36
C GLN B 186 14.04 0.35 29.68
N GLN B 187 15.18 0.98 29.39
CA GLN B 187 16.27 0.31 28.69
C GLN B 187 16.88 -0.76 29.60
N THR B 188 16.62 -2.03 29.28
CA THR B 188 17.33 -3.12 29.95
C THR B 188 18.83 -2.99 29.74
N THR B 189 19.24 -2.51 28.56
CA THR B 189 20.64 -2.26 28.29
C THR B 189 20.76 -1.38 27.04
N THR B 190 21.86 -0.64 26.98
CA THR B 190 22.12 0.28 25.87
C THR B 190 23.50 0.01 25.30
N PHE B 191 23.62 0.09 23.98
CA PHE B 191 24.87 -0.16 23.28
C PHE B 191 25.51 1.16 22.87
N THR B 192 26.83 1.14 22.73
CA THR B 192 27.55 2.34 22.33
C THR B 192 27.12 2.80 20.95
N GLY B 193 27.17 4.11 20.72
CA GLY B 193 26.72 4.67 19.47
C GLY B 193 27.62 4.30 18.31
N HIS B 194 27.02 4.20 17.14
CA HIS B 194 27.76 3.88 15.91
C HIS B 194 28.26 5.19 15.29
N THR B 195 28.83 5.09 14.08
CA THR B 195 29.23 6.28 13.34
C THR B 195 28.07 6.90 12.58
N GLY B 196 27.01 6.12 12.30
CA GLY B 196 25.84 6.62 11.63
C GLY B 196 24.57 6.07 12.25
N ASP B 197 23.44 6.43 11.66
CA ASP B 197 22.16 6.00 12.18
C ASP B 197 21.90 4.53 11.83
N VAL B 198 21.44 3.78 12.82
CA VAL B 198 21.13 2.37 12.61
C VAL B 198 19.81 2.26 11.84
N MET B 199 19.80 1.45 10.78
CA MET B 199 18.67 1.36 9.88
C MET B 199 17.96 0.02 9.89
N SER B 200 18.58 -1.04 10.39
CA SER B 200 17.97 -2.36 10.37
C SER B 200 18.50 -3.20 11.52
N LEU B 201 17.80 -4.30 11.79
CA LEU B 201 18.17 -5.23 12.85
C LEU B 201 17.86 -6.64 12.38
N SER B 202 18.45 -7.61 13.08
CA SER B 202 18.22 -9.01 12.77
C SER B 202 18.64 -9.85 13.96
N LEU B 203 17.72 -10.66 14.49
CA LEU B 203 18.00 -11.51 15.63
C LEU B 203 18.51 -12.87 15.18
N ALA B 204 19.40 -13.44 15.98
CA ALA B 204 19.93 -14.76 15.71
C ALA B 204 18.98 -15.83 16.24
N PRO B 205 19.07 -17.06 15.71
CA PRO B 205 18.17 -18.11 16.21
C PRO B 205 18.33 -18.39 17.70
N ASP B 206 19.51 -18.15 18.27
CA ASP B 206 19.71 -18.35 19.69
C ASP B 206 19.21 -17.17 20.53
N THR B 207 18.98 -16.02 19.90
CA THR B 207 18.48 -14.81 20.56
C THR B 207 19.53 -14.18 21.48
N ARG B 208 20.74 -14.72 21.53
CA ARG B 208 21.79 -14.19 22.39
C ARG B 208 22.58 -13.07 21.72
N LEU B 209 22.79 -13.17 20.41
CA LEU B 209 23.52 -12.16 19.65
C LEU B 209 22.64 -11.65 18.51
N PHE B 210 22.93 -10.43 18.07
CA PHE B 210 22.21 -9.85 16.95
C PHE B 210 23.11 -8.84 16.25
N VAL B 211 23.10 -8.86 14.92
CA VAL B 211 23.92 -7.99 14.10
C VAL B 211 23.08 -6.84 13.58
N SER B 212 23.67 -5.64 13.55
CA SER B 212 22.97 -4.44 13.13
C SER B 212 23.91 -3.55 12.32
N GLY B 213 23.37 -2.96 11.26
CA GLY B 213 24.11 -2.06 10.41
C GLY B 213 23.53 -0.66 10.47
N ALA B 214 24.37 0.33 10.18
CA ALA B 214 23.99 1.73 10.21
C ALA B 214 24.44 2.42 8.92
N CYS B 215 24.22 3.73 8.86
CA CYS B 215 24.60 4.49 7.66
C CYS B 215 26.07 4.28 7.33
N ASP B 216 26.93 4.19 8.35
CA ASP B 216 28.34 3.95 8.10
C ASP B 216 28.53 2.57 7.49
N ALA B 217 29.55 2.44 6.63
CA ALA B 217 29.83 1.19 5.93
C ALA B 217 30.44 0.20 6.91
N SER B 218 29.60 -0.34 7.78
CA SER B 218 30.04 -1.31 8.78
C SER B 218 28.81 -1.89 9.48
N ALA B 219 29.01 -3.06 10.07
CA ALA B 219 27.96 -3.74 10.81
C ALA B 219 28.54 -4.35 12.08
N LYS B 220 27.84 -4.16 13.19
CA LYS B 220 28.32 -4.58 14.51
C LYS B 220 27.44 -5.69 15.05
N LEU B 221 28.09 -6.71 15.64
CA LEU B 221 27.40 -7.86 16.21
C LEU B 221 27.35 -7.67 17.72
N TRP B 222 26.21 -7.19 18.22
CA TRP B 222 26.04 -6.94 19.64
C TRP B 222 25.49 -8.18 20.34
N ASP B 223 25.69 -8.20 21.66
CA ASP B 223 25.25 -9.30 22.51
C ASP B 223 24.15 -8.82 23.44
N VAL B 224 23.18 -9.69 23.70
CA VAL B 224 22.08 -9.34 24.59
C VAL B 224 22.52 -9.37 26.04
N ARG B 225 23.50 -10.22 26.38
CA ARG B 225 23.94 -10.31 27.77
C ARG B 225 24.78 -9.09 28.17
N GLU B 226 25.73 -8.70 27.32
CA GLU B 226 26.58 -7.55 27.57
C GLU B 226 26.49 -6.59 26.40
N GLY B 227 26.54 -5.30 26.70
CA GLY B 227 26.47 -4.29 25.66
C GLY B 227 27.80 -4.02 25.01
N MET B 228 28.26 -4.96 24.18
CA MET B 228 29.54 -4.84 23.49
C MET B 228 29.46 -5.58 22.17
N CYS B 229 29.95 -4.95 21.11
CA CYS B 229 29.94 -5.56 19.78
C CYS B 229 31.13 -6.52 19.67
N ARG B 230 30.85 -7.81 19.64
CA ARG B 230 31.92 -8.80 19.57
C ARG B 230 32.68 -8.72 18.26
N GLN B 231 32.00 -8.33 17.19
CA GLN B 231 32.64 -8.21 15.87
C GLN B 231 32.11 -6.96 15.18
N THR B 232 32.96 -6.38 14.33
CA THR B 232 32.64 -5.16 13.60
C THR B 232 33.18 -5.29 12.18
N PHE B 233 32.30 -5.56 11.22
CA PHE B 233 32.72 -5.76 9.85
C PHE B 233 32.76 -4.36 9.32
N THR B 234 33.75 -4.04 8.48
CA THR B 234 33.88 -2.70 7.92
C THR B 234 34.10 -2.88 6.44
N GLY B 235 33.09 -3.42 5.76
CA GLY B 235 33.19 -3.66 4.32
C GLY B 235 31.97 -3.27 3.54
N HIS B 236 31.78 -1.99 3.25
CA HIS B 236 30.66 -1.61 2.38
C HIS B 236 30.92 -0.36 1.56
N GLU B 237 30.38 -0.32 0.35
CA GLU B 237 30.50 0.88 -0.48
C GLU B 237 29.67 2.06 0.01
N SER B 238 28.45 1.81 0.49
CA SER B 238 27.53 2.90 0.84
C SER B 238 26.71 2.66 2.14
N ASP B 239 25.55 3.31 2.30
CA ASP B 239 24.82 3.18 3.56
C ASP B 239 23.98 1.92 3.56
N ILE B 240 24.19 1.07 4.56
CA ILE B 240 23.44 -0.18 4.68
C ILE B 240 21.99 0.15 4.99
N ASN B 241 21.07 -0.49 4.27
CA ASN B 241 19.65 -0.28 4.46
C ASN B 241 18.89 -1.51 4.92
N ALA B 242 19.49 -2.70 4.85
CA ALA B 242 18.80 -3.91 5.29
C ALA B 242 19.84 -4.92 5.76
N ILE B 243 19.42 -5.78 6.68
CA ILE B 243 20.29 -6.81 7.23
C ILE B 243 19.42 -7.98 7.67
N CYS B 244 19.91 -9.19 7.43
CA CYS B 244 19.17 -10.39 7.77
C CYS B 244 20.14 -11.45 8.28
N PHE B 245 19.68 -12.25 9.24
CA PHE B 245 20.49 -13.28 9.84
C PHE B 245 20.24 -14.62 9.14
N PHE B 246 21.30 -15.41 9.01
CA PHE B 246 21.19 -16.71 8.38
C PHE B 246 20.42 -17.66 9.29
N PRO B 247 19.60 -18.56 8.74
CA PRO B 247 18.81 -19.46 9.60
C PRO B 247 19.62 -20.19 10.65
N ASN B 248 20.90 -20.47 10.40
CA ASN B 248 21.72 -21.17 11.37
C ASN B 248 22.29 -20.23 12.43
N GLY B 249 22.62 -19.00 12.04
CA GLY B 249 23.18 -18.02 12.95
C GLY B 249 24.66 -17.81 12.83
N ASN B 250 25.32 -18.44 11.86
CA ASN B 250 26.76 -18.30 11.68
C ASN B 250 27.13 -17.23 10.65
N ALA B 251 26.16 -16.75 9.86
CA ALA B 251 26.42 -15.74 8.84
C ALA B 251 25.23 -14.80 8.79
N PHE B 252 25.35 -13.76 7.96
CA PHE B 252 24.28 -12.78 7.81
C PHE B 252 24.54 -11.95 6.57
N ALA B 253 23.45 -11.56 5.90
CA ALA B 253 23.52 -10.77 4.69
C ALA B 253 23.20 -9.31 4.98
N THR B 254 23.90 -8.41 4.28
CA THR B 254 23.73 -6.98 4.42
C THR B 254 23.51 -6.38 3.03
N GLY B 255 22.52 -5.51 2.91
CA GLY B 255 22.21 -4.84 1.65
C GLY B 255 22.16 -3.34 1.85
N SER B 256 22.82 -2.62 0.94
CA SER B 256 22.91 -1.17 0.99
C SER B 256 22.30 -0.59 -0.28
N ASP B 257 22.39 0.73 -0.43
CA ASP B 257 21.83 1.44 -1.57
C ASP B 257 22.71 1.34 -2.81
N ASP B 258 23.80 0.59 -2.76
CA ASP B 258 24.70 0.43 -3.90
C ASP B 258 24.30 -0.72 -4.80
N ALA B 259 23.13 -1.32 -4.58
CA ALA B 259 22.62 -2.42 -5.39
C ALA B 259 23.51 -3.65 -5.30
N THR B 260 24.14 -3.87 -4.15
CA THR B 260 25.03 -5.01 -3.96
C THR B 260 24.87 -5.54 -2.54
N CYS B 261 24.56 -6.83 -2.43
CA CYS B 261 24.48 -7.49 -1.15
C CYS B 261 25.79 -8.17 -0.81
N ARG B 262 26.04 -8.34 0.49
CA ARG B 262 27.27 -8.98 0.95
C ARG B 262 26.94 -9.92 2.11
N LEU B 263 27.40 -11.17 2.00
CA LEU B 263 27.14 -12.20 3.01
C LEU B 263 28.39 -12.31 3.88
N PHE B 264 28.33 -11.74 5.08
CA PHE B 264 29.41 -11.84 6.03
C PHE B 264 29.22 -13.06 6.93
N ASP B 265 30.32 -13.50 7.54
CA ASP B 265 30.31 -14.68 8.39
C ASP B 265 30.86 -14.32 9.76
N LEU B 266 30.24 -14.86 10.81
CA LEU B 266 30.69 -14.59 12.17
C LEU B 266 31.89 -15.43 12.55
N ARG B 267 32.02 -16.63 11.98
CA ARG B 267 33.16 -17.49 12.29
C ARG B 267 34.41 -17.03 11.55
N ALA B 268 34.28 -16.71 10.26
CA ALA B 268 35.41 -16.21 9.49
C ALA B 268 35.62 -14.71 9.68
N ASP B 269 34.57 -13.97 10.03
CA ASP B 269 34.66 -12.53 10.30
C ASP B 269 35.12 -11.78 9.05
N GLN B 270 34.40 -12.00 7.95
CA GLN B 270 34.69 -11.32 6.69
C GLN B 270 33.58 -11.65 5.69
N GLU B 271 33.61 -10.96 4.56
CA GLU B 271 32.63 -11.18 3.52
C GLU B 271 32.95 -12.47 2.77
N LEU B 272 31.90 -13.25 2.48
CA LEU B 272 32.03 -14.50 1.74
C LEU B 272 31.77 -14.33 0.26
N MET B 273 30.68 -13.66 -0.11
CA MET B 273 30.34 -13.46 -1.51
C MET B 273 29.56 -12.16 -1.64
N THR B 274 29.80 -11.46 -2.74
CA THR B 274 29.15 -10.18 -3.04
C THR B 274 28.17 -10.37 -4.18
N TYR B 275 26.88 -10.31 -3.88
CA TYR B 275 25.83 -10.48 -4.89
C TYR B 275 25.60 -9.14 -5.57
N SER B 276 26.02 -9.05 -6.84
CA SER B 276 25.90 -7.80 -7.58
C SER B 276 25.77 -8.11 -9.07
N HIS B 277 25.21 -7.16 -9.80
CA HIS B 277 25.04 -7.31 -11.24
C HIS B 277 25.12 -5.92 -11.88
N ASP B 278 25.62 -5.89 -13.12
CA ASP B 278 25.81 -4.61 -13.80
C ASP B 278 24.48 -3.96 -14.17
N ASN B 279 23.49 -4.75 -14.57
CA ASN B 279 22.20 -4.20 -14.97
C ASN B 279 21.38 -3.67 -13.80
N ILE B 280 21.82 -3.91 -12.57
CA ILE B 280 21.10 -3.46 -11.38
C ILE B 280 21.83 -2.23 -10.83
N ILE B 281 21.19 -1.08 -10.94
CA ILE B 281 21.76 0.18 -10.45
C ILE B 281 20.97 0.79 -9.31
N CYS B 282 19.75 0.32 -9.05
CA CYS B 282 18.92 0.87 -7.99
C CYS B 282 19.26 0.23 -6.65
N GLY B 283 19.25 1.05 -5.61
CA GLY B 283 19.62 0.58 -4.28
C GLY B 283 18.70 -0.52 -3.79
N ILE B 284 19.11 -1.12 -2.67
CA ILE B 284 18.39 -2.21 -2.04
C ILE B 284 17.68 -1.68 -0.81
N THR B 285 16.54 -2.30 -0.49
CA THR B 285 15.73 -1.88 0.65
C THR B 285 15.47 -2.98 1.67
N SER B 286 15.59 -4.25 1.30
CA SER B 286 15.31 -5.34 2.22
C SER B 286 16.13 -6.57 1.83
N VAL B 287 16.37 -7.43 2.80
CA VAL B 287 17.10 -8.68 2.58
C VAL B 287 16.47 -9.75 3.46
N SER B 288 16.37 -10.97 2.93
CA SER B 288 15.76 -12.06 3.68
C SER B 288 16.24 -13.39 3.10
N PHE B 289 16.25 -14.40 3.96
CA PHE B 289 16.63 -15.76 3.58
C PHE B 289 15.44 -16.69 3.72
N SER B 290 15.56 -17.88 3.13
CA SER B 290 14.56 -18.92 3.26
C SER B 290 14.84 -19.76 4.50
N LYS B 291 13.99 -20.76 4.75
CA LYS B 291 14.19 -21.61 5.91
C LYS B 291 15.49 -22.39 5.81
N SER B 292 15.97 -22.65 4.60
CA SER B 292 17.22 -23.37 4.40
C SER B 292 18.40 -22.43 4.21
N GLY B 293 18.19 -21.28 3.57
CA GLY B 293 19.23 -20.30 3.35
C GLY B 293 19.76 -20.25 1.93
N ARG B 294 19.39 -21.20 1.07
CA ARG B 294 19.87 -21.19 -0.30
C ARG B 294 19.39 -19.95 -1.04
N LEU B 295 18.13 -19.59 -0.87
CA LEU B 295 17.51 -18.48 -1.60
C LEU B 295 17.61 -17.21 -0.76
N LEU B 296 18.43 -16.27 -1.22
CA LEU B 296 18.56 -14.96 -0.60
C LEU B 296 17.69 -13.98 -1.37
N LEU B 297 16.67 -13.44 -0.70
CA LEU B 297 15.70 -12.55 -1.33
C LEU B 297 15.99 -11.11 -0.92
N ALA B 298 15.99 -10.21 -1.89
CA ALA B 298 16.27 -8.80 -1.64
C ALA B 298 15.46 -7.92 -2.58
N GLY B 299 14.79 -6.92 -2.03
CA GLY B 299 14.02 -5.99 -2.82
C GLY B 299 14.88 -4.80 -3.24
N TYR B 300 14.75 -4.40 -4.50
CA TYR B 300 15.54 -3.31 -5.06
C TYR B 300 14.63 -2.14 -5.39
N ASP B 301 15.24 -0.95 -5.50
CA ASP B 301 14.49 0.26 -5.82
C ASP B 301 14.06 0.32 -7.28
N ASP B 302 14.25 -0.75 -8.06
CA ASP B 302 13.78 -0.81 -9.43
C ASP B 302 12.35 -1.34 -9.54
N PHE B 303 11.57 -1.23 -8.46
CA PHE B 303 10.17 -1.67 -8.44
C PHE B 303 10.07 -3.18 -8.60
N ASN B 304 10.92 -3.92 -7.87
CA ASN B 304 10.92 -5.37 -7.98
C ASN B 304 11.81 -5.97 -6.91
N CYS B 305 11.76 -7.29 -6.82
CA CYS B 305 12.61 -8.07 -5.92
C CYS B 305 13.37 -9.13 -6.69
N ASN B 306 14.53 -9.52 -6.17
CA ASN B 306 15.35 -10.57 -6.74
C ASN B 306 15.56 -11.66 -5.70
N VAL B 307 15.85 -12.87 -6.20
CA VAL B 307 16.11 -14.03 -5.36
C VAL B 307 17.34 -14.71 -5.96
N TRP B 308 18.46 -14.63 -5.26
CA TRP B 308 19.73 -15.20 -5.70
C TRP B 308 20.03 -16.46 -4.88
N ASP B 309 21.10 -17.15 -5.30
CA ASP B 309 21.55 -18.35 -4.62
C ASP B 309 22.65 -17.97 -3.63
N ALA B 310 22.41 -18.23 -2.35
CA ALA B 310 23.40 -17.87 -1.32
C ALA B 310 24.76 -18.51 -1.60
N LEU B 311 24.78 -19.64 -2.31
CA LEU B 311 26.03 -20.34 -2.63
C LEU B 311 26.50 -20.03 -4.04
N LYS B 312 25.65 -20.26 -5.05
CA LYS B 312 26.03 -20.02 -6.43
C LYS B 312 26.05 -18.54 -6.78
N ALA B 313 25.28 -17.71 -6.08
CA ALA B 313 25.19 -16.27 -6.30
C ALA B 313 24.55 -15.93 -7.64
N ASP B 314 23.93 -16.89 -8.31
CA ASP B 314 23.29 -16.64 -9.60
C ASP B 314 21.84 -16.21 -9.39
N ARG B 315 21.31 -15.49 -10.38
CA ARG B 315 19.94 -15.01 -10.34
C ARG B 315 18.99 -16.19 -10.47
N ALA B 316 18.35 -16.56 -9.36
CA ALA B 316 17.42 -17.68 -9.36
C ALA B 316 15.99 -17.28 -9.70
N GLY B 317 15.57 -16.08 -9.29
CA GLY B 317 14.22 -15.65 -9.58
C GLY B 317 14.08 -14.15 -9.48
N VAL B 318 13.01 -13.64 -10.11
CA VAL B 318 12.70 -12.22 -10.11
C VAL B 318 11.20 -12.05 -9.90
N LEU B 319 10.83 -11.13 -9.02
CA LEU B 319 9.43 -10.83 -8.71
C LEU B 319 9.18 -9.38 -9.12
N ALA B 320 8.41 -9.19 -10.19
CA ALA B 320 8.09 -7.88 -10.70
C ALA B 320 6.58 -7.61 -10.69
N GLY B 321 5.87 -8.18 -9.73
CA GLY B 321 4.43 -7.99 -9.64
C GLY B 321 4.05 -6.61 -9.15
N HIS B 322 4.85 -6.06 -8.24
CA HIS B 322 4.57 -4.73 -7.71
C HIS B 322 4.76 -3.67 -8.79
N ASP B 323 4.26 -2.47 -8.50
CA ASP B 323 4.37 -1.34 -9.43
C ASP B 323 5.15 -0.17 -8.86
N ASN B 324 5.48 -0.18 -7.57
CA ASN B 324 6.22 0.90 -6.92
C ASN B 324 7.45 0.31 -6.24
N ARG B 325 8.27 1.19 -5.67
CA ARG B 325 9.50 0.76 -5.01
C ARG B 325 9.19 -0.18 -3.86
N VAL B 326 9.74 -1.40 -3.92
CA VAL B 326 9.55 -2.36 -2.85
C VAL B 326 10.19 -1.83 -1.57
N SER B 327 9.48 -1.94 -0.46
CA SER B 327 9.94 -1.41 0.81
C SER B 327 10.44 -2.49 1.76
N CYS B 328 9.77 -3.65 1.81
CA CYS B 328 10.17 -4.70 2.74
C CYS B 328 9.70 -6.05 2.21
N LEU B 329 10.35 -7.10 2.70
CA LEU B 329 9.98 -8.47 2.35
C LEU B 329 10.38 -9.39 3.49
N GLY B 330 9.68 -10.52 3.56
CA GLY B 330 9.93 -11.49 4.62
C GLY B 330 9.48 -12.89 4.29
N VAL B 331 10.29 -13.88 4.67
CA VAL B 331 10.00 -15.29 4.46
C VAL B 331 9.38 -15.86 5.72
N THR B 332 8.39 -16.74 5.55
CA THR B 332 7.74 -17.37 6.69
C THR B 332 8.74 -18.24 7.44
N ASP B 333 8.43 -18.48 8.72
CA ASP B 333 9.29 -19.35 9.53
C ASP B 333 9.35 -20.76 8.96
N ASP B 334 8.30 -21.19 8.27
CA ASP B 334 8.26 -22.51 7.64
C ASP B 334 8.61 -22.47 6.16
N GLY B 335 8.71 -21.29 5.56
CA GLY B 335 9.11 -21.19 4.17
C GLY B 335 8.04 -21.54 3.17
N MET B 336 6.76 -21.49 3.55
CA MET B 336 5.70 -21.83 2.62
C MET B 336 5.50 -20.71 1.58
N ALA B 337 5.63 -19.46 1.99
CA ALA B 337 5.46 -18.33 1.08
C ALA B 337 6.35 -17.19 1.56
N VAL B 338 6.34 -16.10 0.78
CA VAL B 338 7.13 -14.91 1.07
C VAL B 338 6.25 -13.69 0.86
N ALA B 339 6.17 -12.83 1.87
CA ALA B 339 5.41 -11.60 1.76
C ALA B 339 6.31 -10.45 1.33
N THR B 340 5.74 -9.51 0.57
CA THR B 340 6.48 -8.37 0.06
C THR B 340 5.56 -7.16 0.07
N GLY B 341 5.97 -6.11 0.78
CA GLY B 341 5.23 -4.86 0.84
C GLY B 341 6.01 -3.75 0.16
N SER B 342 5.34 -3.07 -0.77
CA SER B 342 5.93 -1.99 -1.55
C SER B 342 5.20 -0.68 -1.27
N TRP B 343 5.68 0.39 -1.89
CA TRP B 343 5.05 1.70 -1.74
C TRP B 343 3.77 1.84 -2.53
N ASP B 344 3.35 0.80 -3.24
CA ASP B 344 2.10 0.83 -4.00
C ASP B 344 0.88 0.52 -3.15
N SER B 345 1.02 0.52 -1.82
CA SER B 345 -0.08 0.24 -0.90
C SER B 345 -0.64 -1.17 -1.09
N PHE B 346 0.10 -2.04 -1.77
CA PHE B 346 -0.34 -3.40 -2.06
C PHE B 346 0.73 -4.37 -1.60
N LEU B 347 0.36 -5.29 -0.72
CA LEU B 347 1.26 -6.33 -0.24
C LEU B 347 0.94 -7.63 -0.98
N LYS B 348 1.97 -8.29 -1.50
CA LYS B 348 1.82 -9.49 -2.31
C LYS B 348 2.52 -10.65 -1.64
N ILE B 349 1.86 -11.81 -1.61
CA ILE B 349 2.41 -13.05 -1.10
C ILE B 349 2.72 -13.95 -2.29
N TRP B 350 3.96 -14.43 -2.36
CA TRP B 350 4.43 -15.24 -3.46
C TRP B 350 4.80 -16.64 -2.95
N ASN B 351 4.67 -17.62 -3.83
CA ASN B 351 5.00 -19.01 -3.51
C ASN B 351 5.34 -19.79 -4.76
N VAL C 2 -14.69 -6.42 32.19
CA VAL C 2 -15.55 -7.30 31.35
C VAL C 2 -16.76 -7.78 32.16
N GLN C 3 -17.95 -7.32 31.76
CA GLN C 3 -19.18 -7.70 32.44
C GLN C 3 -20.33 -7.68 31.45
N LEU C 4 -21.24 -8.64 31.62
CA LEU C 4 -22.46 -8.75 30.81
C LEU C 4 -23.62 -8.94 31.77
N VAL C 5 -24.33 -7.86 32.08
CA VAL C 5 -25.43 -7.88 33.04
C VAL C 5 -26.74 -7.97 32.27
N GLU C 6 -27.45 -9.08 32.43
CA GLU C 6 -28.73 -9.29 31.77
C GLU C 6 -29.88 -8.93 32.71
N SER C 7 -31.01 -8.58 32.11
CA SER C 7 -32.20 -8.22 32.87
C SER C 7 -33.41 -8.27 31.95
N GLY C 8 -34.58 -8.16 32.56
CA GLY C 8 -35.85 -8.20 31.84
C GLY C 8 -36.65 -9.46 32.09
N GLY C 9 -36.07 -10.48 32.72
CA GLY C 9 -36.79 -11.71 33.00
C GLY C 9 -37.94 -11.49 33.97
N GLY C 10 -38.63 -12.59 34.26
CA GLY C 10 -39.76 -12.58 35.15
C GLY C 10 -40.84 -13.50 34.64
N LEU C 11 -42.05 -13.32 35.17
CA LEU C 11 -43.20 -14.13 34.79
C LEU C 11 -43.95 -13.47 33.64
N VAL C 12 -44.32 -14.28 32.65
CA VAL C 12 -45.08 -13.81 31.50
C VAL C 12 -46.18 -14.82 31.20
N GLN C 13 -47.35 -14.31 30.81
CA GLN C 13 -48.46 -15.17 30.46
C GLN C 13 -48.32 -15.68 29.02
N PRO C 14 -49.00 -16.76 28.68
CA PRO C 14 -48.91 -17.28 27.32
C PRO C 14 -49.35 -16.24 26.29
N GLY C 15 -48.61 -16.18 25.19
CA GLY C 15 -48.92 -15.26 24.11
C GLY C 15 -48.38 -13.85 24.30
N GLY C 16 -47.79 -13.54 25.46
CA GLY C 16 -47.28 -12.22 25.71
C GLY C 16 -45.94 -11.99 25.02
N SER C 17 -45.33 -10.85 25.35
CA SER C 17 -44.05 -10.46 24.79
C SER C 17 -43.15 -9.95 25.91
N ARG C 18 -41.86 -9.81 25.60
CA ARG C 18 -40.91 -9.32 26.58
C ARG C 18 -39.61 -8.95 25.89
N LYS C 19 -38.98 -7.87 26.35
CA LYS C 19 -37.72 -7.38 25.80
C LYS C 19 -36.63 -7.61 26.84
N LEU C 20 -35.84 -8.66 26.64
CA LEU C 20 -34.71 -8.95 27.52
C LEU C 20 -33.52 -8.09 27.11
N SER C 21 -32.99 -7.34 28.06
CA SER C 21 -31.87 -6.43 27.80
C SER C 21 -30.59 -6.99 28.40
N CYS C 22 -29.46 -6.56 27.84
CA CYS C 22 -28.15 -6.99 28.30
C CYS C 22 -27.17 -5.84 28.13
N SER C 23 -26.66 -5.33 29.25
CA SER C 23 -25.67 -4.27 29.24
C SER C 23 -24.27 -4.87 29.30
N ALA C 24 -23.42 -4.48 28.35
CA ALA C 24 -22.06 -4.96 28.26
C ALA C 24 -21.09 -3.85 28.64
N SER C 25 -20.01 -4.22 29.33
CA SER C 25 -19.01 -3.25 29.75
C SER C 25 -17.66 -3.93 29.83
N GLY C 26 -16.61 -3.11 29.84
CA GLY C 26 -15.25 -3.62 29.96
C GLY C 26 -14.62 -4.09 28.68
N PHE C 27 -15.22 -3.80 27.53
CA PHE C 27 -14.66 -4.22 26.24
C PHE C 27 -15.46 -3.54 25.14
N ALA C 28 -14.96 -3.68 23.92
CA ALA C 28 -15.63 -3.13 22.74
C ALA C 28 -16.81 -4.03 22.38
N PHE C 29 -18.02 -3.57 22.73
CA PHE C 29 -19.20 -4.38 22.48
C PHE C 29 -19.40 -4.62 20.98
N SER C 30 -19.13 -3.60 20.16
CA SER C 30 -19.34 -3.74 18.72
C SER C 30 -18.37 -4.73 18.11
N SER C 31 -17.17 -4.85 18.67
CA SER C 31 -16.17 -5.75 18.09
C SER C 31 -16.51 -7.22 18.31
N PHE C 32 -17.38 -7.54 19.27
CA PHE C 32 -17.73 -8.91 19.61
C PHE C 32 -19.16 -9.20 19.15
N GLY C 33 -19.33 -10.30 18.42
CA GLY C 33 -20.66 -10.76 18.10
C GLY C 33 -21.34 -11.37 19.32
N MET C 34 -22.66 -11.23 19.36
CA MET C 34 -23.45 -11.62 20.53
C MET C 34 -24.26 -12.87 20.22
N HIS C 35 -24.40 -13.73 21.23
CA HIS C 35 -25.17 -14.96 21.11
C HIS C 35 -26.11 -15.07 22.30
N TRP C 36 -27.40 -15.18 22.03
CA TRP C 36 -28.41 -15.47 23.05
C TRP C 36 -28.65 -16.97 23.08
N VAL C 37 -28.40 -17.59 24.23
CA VAL C 37 -28.51 -19.03 24.40
C VAL C 37 -29.43 -19.31 25.59
N ARG C 38 -30.39 -20.21 25.40
CA ARG C 38 -31.35 -20.53 26.44
C ARG C 38 -30.99 -21.85 27.12
N GLN C 39 -31.37 -21.96 28.40
CA GLN C 39 -31.18 -23.17 29.18
C GLN C 39 -32.47 -23.45 29.94
N ALA C 40 -33.10 -24.58 29.62
CA ALA C 40 -34.33 -24.95 30.27
C ALA C 40 -34.06 -25.45 31.69
N PRO C 41 -35.05 -25.35 32.58
CA PRO C 41 -34.83 -25.81 33.97
C PRO C 41 -34.57 -27.30 34.02
N GLU C 42 -33.51 -27.67 34.75
CA GLU C 42 -33.12 -29.07 34.91
C GLU C 42 -32.76 -29.70 33.56
N LYS C 43 -32.17 -28.91 32.67
CA LYS C 43 -31.76 -29.40 31.36
C LYS C 43 -30.49 -28.68 30.95
N GLY C 44 -30.02 -28.96 29.73
CA GLY C 44 -28.80 -28.37 29.21
C GLY C 44 -29.05 -27.08 28.46
N LEU C 45 -28.01 -26.61 27.79
CA LEU C 45 -28.08 -25.37 27.04
C LEU C 45 -28.73 -25.60 25.68
N GLU C 46 -29.10 -24.49 25.03
CA GLU C 46 -29.69 -24.55 23.69
C GLU C 46 -29.56 -23.18 23.05
N TRP C 47 -28.81 -23.10 21.96
CA TRP C 47 -28.61 -21.83 21.28
C TRP C 47 -29.94 -21.31 20.75
N VAL C 48 -30.09 -19.98 20.78
CA VAL C 48 -31.33 -19.34 20.34
C VAL C 48 -31.05 -18.43 19.16
N ALA C 49 -30.21 -17.42 19.35
CA ALA C 49 -30.01 -16.41 18.32
C ALA C 49 -28.56 -15.92 18.34
N TYR C 50 -28.16 -15.31 17.23
CA TYR C 50 -26.82 -14.76 17.08
C TYR C 50 -26.88 -13.52 16.21
N ILE C 51 -26.15 -12.49 16.63
CA ILE C 51 -26.05 -11.23 15.88
C ILE C 51 -24.57 -10.88 15.74
N SER C 52 -24.14 -10.67 14.50
CA SER C 52 -22.74 -10.38 14.21
C SER C 52 -22.43 -8.92 14.52
N SER C 53 -21.18 -8.52 14.28
CA SER C 53 -20.76 -7.15 14.53
C SER C 53 -21.37 -6.21 13.49
N GLY C 54 -21.78 -5.03 13.94
CA GLY C 54 -22.38 -4.04 13.06
C GLY C 54 -23.73 -4.45 12.53
N SER C 55 -24.33 -5.49 13.11
CA SER C 55 -25.63 -5.98 12.69
C SER C 55 -25.64 -6.37 11.22
N GLY C 56 -24.49 -6.79 10.70
CA GLY C 56 -24.40 -7.19 9.31
C GLY C 56 -24.97 -8.55 9.00
N THR C 57 -25.13 -9.41 10.01
CA THR C 57 -25.67 -10.74 9.82
C THR C 57 -26.37 -11.18 11.11
N ILE C 58 -27.50 -11.85 10.95
CA ILE C 58 -28.30 -12.32 12.08
C ILE C 58 -28.79 -13.73 11.77
N TYR C 59 -28.79 -14.59 12.78
CA TYR C 59 -29.25 -15.96 12.63
C TYR C 59 -30.08 -16.36 13.84
N TYR C 60 -31.05 -17.26 13.61
CA TYR C 60 -31.90 -17.77 14.67
C TYR C 60 -32.03 -19.28 14.51
N ALA C 61 -32.48 -19.93 15.58
CA ALA C 61 -32.71 -21.37 15.55
C ALA C 61 -34.00 -21.68 14.81
N ASP C 62 -34.04 -22.86 14.18
CA ASP C 62 -35.21 -23.24 13.39
C ASP C 62 -36.48 -23.24 14.24
N THR C 63 -36.35 -23.45 15.55
CA THR C 63 -37.51 -23.48 16.44
C THR C 63 -37.91 -22.12 16.96
N VAL C 64 -37.02 -21.13 16.90
CA VAL C 64 -37.28 -19.80 17.45
C VAL C 64 -37.47 -18.75 16.38
N LYS C 65 -37.37 -19.11 15.10
CA LYS C 65 -37.56 -18.13 14.04
C LYS C 65 -38.98 -17.58 14.06
N GLY C 66 -39.09 -16.30 13.73
CA GLY C 66 -40.38 -15.61 13.68
C GLY C 66 -40.79 -14.91 14.96
N ARG C 67 -40.60 -15.58 16.10
CA ARG C 67 -41.02 -15.03 17.39
C ARG C 67 -39.96 -14.11 17.98
N PHE C 68 -38.72 -14.60 18.11
CA PHE C 68 -37.66 -13.85 18.75
C PHE C 68 -36.90 -13.02 17.71
N THR C 69 -36.54 -11.80 18.09
CA THR C 69 -35.76 -10.91 17.23
C THR C 69 -34.69 -10.23 18.06
N ILE C 70 -33.45 -10.29 17.59
CA ILE C 70 -32.30 -9.75 18.32
C ILE C 70 -31.85 -8.45 17.66
N SER C 71 -31.38 -7.53 18.49
CA SER C 71 -30.85 -6.26 18.00
C SER C 71 -29.78 -5.78 18.97
N ARG C 72 -28.96 -4.84 18.50
CA ARG C 72 -27.84 -4.34 19.29
C ARG C 72 -27.70 -2.84 19.08
N ASP C 73 -27.61 -2.10 20.17
CA ASP C 73 -27.38 -0.65 20.16
C ASP C 73 -25.92 -0.42 20.49
N ASP C 74 -25.12 -0.11 19.47
CA ASP C 74 -23.67 0.05 19.63
C ASP C 74 -23.34 1.37 20.32
N PRO C 75 -23.97 2.49 19.95
CA PRO C 75 -23.72 3.74 20.68
C PRO C 75 -23.82 3.61 22.19
N LYS C 76 -24.71 2.75 22.69
CA LYS C 76 -24.88 2.54 24.12
C LYS C 76 -24.27 1.23 24.61
N ASN C 77 -23.73 0.42 23.71
CA ASN C 77 -23.15 -0.88 24.08
C ASN C 77 -24.16 -1.73 24.83
N THR C 78 -25.26 -2.04 24.15
CA THR C 78 -26.35 -2.81 24.75
C THR C 78 -26.90 -3.79 23.72
N LEU C 79 -27.49 -4.87 24.21
CA LEU C 79 -28.12 -5.88 23.38
C LEU C 79 -29.56 -6.07 23.84
N PHE C 80 -30.47 -6.33 22.89
CA PHE C 80 -31.87 -6.51 23.19
C PHE C 80 -32.40 -7.72 22.43
N LEU C 81 -33.30 -8.47 23.08
CA LEU C 81 -33.96 -9.61 22.46
C LEU C 81 -35.46 -9.48 22.74
N GLN C 82 -36.23 -9.21 21.70
CA GLN C 82 -37.68 -9.05 21.81
C GLN C 82 -38.35 -10.36 21.44
N MET C 83 -39.13 -10.90 22.37
CA MET C 83 -39.86 -12.14 22.17
C MET C 83 -41.35 -11.84 22.13
N THR C 84 -42.05 -12.46 21.19
CA THR C 84 -43.48 -12.29 21.02
C THR C 84 -44.15 -13.66 20.91
N SER C 85 -45.41 -13.73 21.35
CA SER C 85 -46.17 -14.97 21.33
C SER C 85 -45.43 -16.07 22.10
N LEU C 86 -45.02 -15.73 23.32
CA LEU C 86 -44.28 -16.68 24.14
C LEU C 86 -45.12 -17.91 24.43
N ARG C 87 -44.53 -19.08 24.22
CA ARG C 87 -45.20 -20.34 24.48
C ARG C 87 -44.87 -20.84 25.89
N SER C 88 -45.50 -21.94 26.30
CA SER C 88 -45.28 -22.48 27.63
C SER C 88 -43.85 -23.02 27.79
N GLU C 89 -43.30 -23.61 26.74
CA GLU C 89 -41.95 -24.17 26.81
C GLU C 89 -40.87 -23.11 26.93
N ASP C 90 -41.20 -21.83 26.70
CA ASP C 90 -40.19 -20.78 26.73
C ASP C 90 -39.60 -20.56 28.12
N THR C 91 -40.18 -21.15 29.15
CA THR C 91 -39.63 -21.01 30.50
C THR C 91 -38.20 -21.51 30.54
N ALA C 92 -37.25 -20.60 30.79
CA ALA C 92 -35.83 -20.95 30.78
C ALA C 92 -35.03 -19.72 31.18
N MET C 93 -33.72 -19.92 31.34
CA MET C 93 -32.78 -18.85 31.65
C MET C 93 -31.96 -18.55 30.41
N TYR C 94 -31.95 -17.29 30.00
CA TYR C 94 -31.25 -16.85 28.80
C TYR C 94 -29.94 -16.17 29.18
N TYR C 95 -28.90 -16.44 28.39
CA TYR C 95 -27.57 -15.91 28.61
C TYR C 95 -27.07 -15.25 27.33
N CYS C 96 -26.39 -14.12 27.50
CA CYS C 96 -25.74 -13.41 26.39
C CYS C 96 -24.24 -13.67 26.45
N VAL C 97 -23.68 -14.09 25.34
CA VAL C 97 -22.26 -14.48 25.26
C VAL C 97 -21.60 -13.69 24.14
N ARG C 98 -20.36 -13.26 24.39
CA ARG C 98 -19.56 -12.55 23.40
C ARG C 98 -18.65 -13.53 22.67
N SER C 99 -18.41 -13.28 21.40
CA SER C 99 -17.54 -14.12 20.60
C SER C 99 -16.94 -13.31 19.46
N ILE C 100 -15.61 -13.33 19.34
CA ILE C 100 -14.89 -12.71 18.25
C ILE C 100 -14.20 -13.82 17.47
N TYR C 101 -14.31 -13.77 16.14
CA TYR C 101 -13.86 -14.85 15.27
C TYR C 101 -12.64 -14.39 14.48
N TYR C 102 -11.50 -15.02 14.76
CA TYR C 102 -10.27 -14.80 14.00
C TYR C 102 -9.27 -15.87 14.43
N TYR C 103 -8.24 -16.05 13.60
CA TYR C 103 -7.24 -17.07 13.87
C TYR C 103 -6.58 -16.83 15.22
N GLY C 104 -6.57 -17.85 16.07
CA GLY C 104 -6.01 -17.73 17.40
C GLY C 104 -6.96 -17.19 18.45
N SER C 105 -8.21 -16.90 18.08
CA SER C 105 -9.17 -16.36 19.01
C SER C 105 -9.77 -17.47 19.88
N SER C 106 -10.70 -17.09 20.74
CA SER C 106 -11.38 -18.03 21.63
C SER C 106 -12.85 -17.62 21.71
N PRO C 107 -13.63 -17.93 20.68
CA PRO C 107 -15.05 -17.56 20.71
C PRO C 107 -15.76 -18.10 21.94
N PHE C 108 -16.76 -17.35 22.40
CA PHE C 108 -17.55 -17.72 23.58
C PHE C 108 -16.65 -17.81 24.80
N ASP C 109 -15.86 -16.76 25.03
CA ASP C 109 -14.91 -16.74 26.13
C ASP C 109 -15.50 -16.21 27.43
N PHE C 110 -16.54 -15.38 27.35
CA PHE C 110 -17.16 -14.77 28.52
C PHE C 110 -18.67 -14.97 28.45
N TRP C 111 -19.24 -15.58 29.48
CA TRP C 111 -20.66 -15.85 29.56
C TRP C 111 -21.29 -14.93 30.61
N GLY C 112 -22.36 -14.25 30.23
CA GLY C 112 -23.05 -13.37 31.16
C GLY C 112 -23.83 -14.14 32.21
N GLN C 113 -24.31 -13.39 33.20
CA GLN C 113 -25.07 -14.01 34.28
C GLN C 113 -26.43 -14.51 33.79
N GLY C 114 -27.01 -13.85 32.80
CA GLY C 114 -28.29 -14.26 32.26
C GLY C 114 -29.45 -13.84 33.13
N THR C 115 -30.65 -14.11 32.63
CA THR C 115 -31.88 -13.77 33.32
C THR C 115 -32.91 -14.86 33.08
N THR C 116 -33.74 -15.14 34.08
CA THR C 116 -34.73 -16.20 34.01
C THR C 116 -36.07 -15.62 33.58
N LEU C 117 -36.69 -16.27 32.59
CA LEU C 117 -38.01 -15.88 32.09
C LEU C 117 -38.90 -17.12 32.14
N THR C 118 -39.97 -17.05 32.92
CA THR C 118 -40.90 -18.16 33.10
C THR C 118 -42.24 -17.81 32.48
N VAL C 119 -42.93 -18.85 32.03
CA VAL C 119 -44.25 -18.71 31.41
C VAL C 119 -45.30 -19.30 32.33
N SER C 120 -46.49 -18.72 32.29
CA SER C 120 -47.60 -19.17 33.12
C SER C 120 -47.22 -19.12 34.61
N ALA C 137 -32.42 -30.22 11.06
CA ALA C 137 -31.50 -31.23 10.56
C ALA C 137 -30.06 -30.84 10.84
N ASP C 138 -29.87 -29.87 11.73
CA ASP C 138 -28.53 -29.43 12.08
C ASP C 138 -27.76 -30.53 12.79
N ILE C 139 -26.46 -30.29 13.00
CA ILE C 139 -25.64 -31.28 13.69
C ILE C 139 -26.12 -31.43 15.12
N VAL C 140 -26.21 -32.68 15.58
CA VAL C 140 -26.67 -33.00 16.92
C VAL C 140 -25.50 -33.58 17.71
N MET C 141 -25.37 -33.17 18.96
CA MET C 141 -24.32 -33.64 19.85
C MET C 141 -24.93 -34.53 20.92
N THR C 142 -24.45 -35.77 21.02
CA THR C 142 -24.96 -36.74 21.97
C THR C 142 -23.81 -37.25 22.83
N GLN C 143 -23.96 -37.15 24.14
CA GLN C 143 -22.96 -37.61 25.09
C GLN C 143 -23.37 -38.97 25.65
N ALA C 144 -22.37 -39.80 25.97
CA ALA C 144 -22.65 -41.15 26.45
C ALA C 144 -23.21 -41.12 27.87
N THR C 145 -22.47 -40.54 28.81
CA THR C 145 -22.86 -40.50 30.21
C THR C 145 -23.22 -39.08 30.61
N SER C 146 -24.25 -38.96 31.44
CA SER C 146 -24.72 -37.66 31.93
C SER C 146 -24.19 -37.33 33.31
N SER C 147 -23.81 -38.32 34.11
CA SER C 147 -23.28 -38.10 35.45
C SER C 147 -22.21 -39.13 35.74
N VAL C 148 -21.06 -38.67 36.23
CA VAL C 148 -19.93 -39.52 36.55
C VAL C 148 -19.46 -39.19 37.96
N PRO C 149 -19.65 -40.07 38.95
CA PRO C 149 -19.14 -39.77 40.29
C PRO C 149 -17.64 -39.93 40.38
N VAL C 150 -17.01 -38.97 41.06
CA VAL C 150 -15.56 -38.96 41.21
C VAL C 150 -15.21 -38.03 42.37
N THR C 151 -14.10 -38.33 43.04
CA THR C 151 -13.62 -37.57 44.17
C THR C 151 -12.34 -36.82 43.80
N PRO C 152 -11.95 -35.81 44.58
CA PRO C 152 -10.72 -35.07 44.26
C PRO C 152 -9.51 -36.00 44.25
N GLY C 153 -8.57 -35.70 43.36
CA GLY C 153 -7.34 -36.45 43.23
C GLY C 153 -7.29 -37.33 41.99
N GLU C 154 -8.43 -37.86 41.57
CA GLU C 154 -8.49 -38.73 40.40
C GLU C 154 -8.72 -37.91 39.13
N SER C 155 -8.54 -38.56 37.99
CA SER C 155 -8.71 -37.95 36.69
C SER C 155 -10.05 -38.37 36.09
N VAL C 156 -10.59 -37.51 35.23
CA VAL C 156 -11.88 -37.75 34.58
C VAL C 156 -11.69 -37.71 33.07
N SER C 157 -12.49 -38.50 32.36
CA SER C 157 -12.44 -38.57 30.89
C SER C 157 -13.87 -38.61 30.38
N ILE C 158 -14.39 -37.43 30.01
CA ILE C 158 -15.75 -37.32 29.48
C ILE C 158 -15.69 -37.55 27.98
N SER C 159 -16.62 -38.35 27.46
CA SER C 159 -16.70 -38.66 26.04
C SER C 159 -17.83 -37.88 25.39
N CYS C 160 -17.71 -37.70 24.08
CA CYS C 160 -18.72 -36.97 23.31
C CYS C 160 -18.76 -37.54 21.90
N ARG C 161 -19.98 -37.73 21.38
CA ARG C 161 -20.20 -38.26 20.05
C ARG C 161 -21.02 -37.28 19.23
N SER C 162 -20.79 -37.28 17.93
CA SER C 162 -21.49 -36.40 17.00
C SER C 162 -21.93 -37.19 15.78
N SER C 163 -23.00 -36.72 15.14
CA SER C 163 -23.55 -37.38 13.96
C SER C 163 -22.85 -36.96 12.68
N LYS C 164 -22.16 -35.82 12.68
CA LYS C 164 -21.45 -35.32 11.51
C LYS C 164 -20.04 -34.93 11.90
N SER C 165 -19.08 -35.27 11.05
CA SER C 165 -17.68 -34.95 11.31
C SER C 165 -17.48 -33.43 11.32
N LEU C 166 -17.06 -32.90 12.45
CA LEU C 166 -16.83 -31.46 12.58
C LEU C 166 -15.51 -31.01 11.95
N LEU C 167 -14.70 -31.94 11.45
CA LEU C 167 -13.43 -31.60 10.83
C LEU C 167 -13.70 -30.99 9.46
N HIS C 168 -13.61 -29.66 9.38
CA HIS C 168 -13.83 -28.97 8.13
C HIS C 168 -12.60 -29.08 7.23
N SER C 169 -12.78 -28.77 5.95
CA SER C 169 -11.69 -28.85 4.99
C SER C 169 -10.49 -28.00 5.40
N ASN C 170 -10.70 -26.97 6.22
CA ASN C 170 -9.59 -26.12 6.65
C ASN C 170 -8.77 -26.76 7.76
N GLY C 171 -9.28 -27.80 8.41
CA GLY C 171 -8.56 -28.48 9.47
C GLY C 171 -8.87 -28.02 10.87
N ASN C 172 -9.78 -27.06 11.04
CA ASN C 172 -10.12 -26.56 12.36
C ASN C 172 -11.17 -27.44 13.01
N THR C 173 -10.96 -27.76 14.29
CA THR C 173 -11.89 -28.58 15.06
C THR C 173 -12.89 -27.67 15.74
N TYR C 174 -14.09 -27.56 15.15
CA TYR C 174 -15.13 -26.68 15.68
C TYR C 174 -15.85 -27.38 16.83
N LEU C 175 -15.17 -27.41 17.97
CA LEU C 175 -15.69 -28.03 19.18
C LEU C 175 -15.47 -27.08 20.36
N TYR C 176 -16.52 -26.82 21.12
CA TYR C 176 -16.46 -25.93 22.27
C TYR C 176 -16.97 -26.66 23.51
N TRP C 177 -16.27 -26.48 24.62
CA TRP C 177 -16.63 -27.06 25.91
C TRP C 177 -16.94 -25.94 26.89
N PHE C 178 -18.09 -26.03 27.55
CA PHE C 178 -18.53 -25.01 28.51
C PHE C 178 -18.82 -25.68 29.85
N LEU C 179 -18.21 -25.16 30.90
CA LEU C 179 -18.36 -25.69 32.25
C LEU C 179 -19.23 -24.75 33.07
N GLN C 180 -20.42 -25.21 33.44
CA GLN C 180 -21.34 -24.44 34.26
C GLN C 180 -21.29 -24.98 35.69
N ARG C 181 -20.95 -24.12 36.63
CA ARG C 181 -20.85 -24.47 38.04
C ARG C 181 -22.10 -24.05 38.79
N PRO C 182 -22.32 -24.58 40.00
CA PRO C 182 -23.51 -24.18 40.76
C PRO C 182 -23.53 -22.69 41.02
N GLY C 183 -24.56 -22.03 40.49
CA GLY C 183 -24.74 -20.61 40.67
C GLY C 183 -24.03 -19.73 39.66
N GLN C 184 -23.08 -20.28 38.92
CA GLN C 184 -22.32 -19.54 37.93
C GLN C 184 -22.76 -19.92 36.52
N SER C 185 -22.31 -19.14 35.55
CA SER C 185 -22.62 -19.37 34.15
C SER C 185 -21.59 -20.30 33.52
N PRO C 186 -21.91 -20.88 32.37
CA PRO C 186 -20.93 -21.76 31.70
C PRO C 186 -19.63 -21.04 31.42
N GLN C 187 -18.52 -21.70 31.75
CA GLN C 187 -17.19 -21.15 31.55
C GLN C 187 -16.49 -21.93 30.42
N LEU C 188 -15.86 -21.19 29.52
CA LEU C 188 -15.20 -21.82 28.38
C LEU C 188 -13.94 -22.56 28.83
N LEU C 189 -13.85 -23.84 28.46
CA LEU C 189 -12.66 -24.65 28.73
C LEU C 189 -11.80 -24.82 27.48
N ILE C 190 -12.39 -25.28 26.38
CA ILE C 190 -11.68 -25.45 25.12
C ILE C 190 -12.56 -24.90 24.00
N TYR C 191 -11.94 -24.25 23.03
CA TYR C 191 -12.66 -23.65 21.90
C TYR C 191 -12.37 -24.34 20.57
N ARG C 192 -11.16 -24.85 20.37
CA ARG C 192 -10.82 -25.55 19.15
C ARG C 192 -9.74 -26.60 19.41
N SER C 194 -8.60 -28.81 21.31
CA SER C 194 -7.38 -29.08 22.05
C SER C 194 -6.75 -27.79 22.57
N ASN C 195 -6.94 -26.70 21.82
CA ASN C 195 -6.40 -25.40 22.21
C ASN C 195 -7.09 -24.93 23.49
N LEU C 196 -6.35 -24.95 24.60
CA LEU C 196 -6.91 -24.53 25.88
C LEU C 196 -7.40 -23.08 25.80
N ALA C 197 -8.42 -22.77 26.60
CA ALA C 197 -8.99 -21.44 26.63
C ALA C 197 -8.25 -20.57 27.66
N SER C 198 -8.57 -19.28 27.63
CA SER C 198 -7.94 -18.33 28.54
C SER C 198 -8.55 -18.44 29.94
N GLY C 199 -7.72 -18.16 30.95
CA GLY C 199 -8.17 -18.19 32.32
C GLY C 199 -8.47 -19.57 32.88
N VAL C 200 -8.26 -20.62 32.11
CA VAL C 200 -8.53 -22.00 32.54
C VAL C 200 -7.20 -22.69 32.79
N PRO C 201 -7.03 -23.36 33.94
CA PRO C 201 -5.77 -24.08 34.16
C PRO C 201 -5.52 -25.13 33.10
N ASP C 202 -4.27 -25.61 33.07
CA ASP C 202 -3.87 -26.63 32.10
C ASP C 202 -4.42 -28.01 32.43
N ARG C 203 -5.18 -28.15 33.52
CA ARG C 203 -5.71 -29.46 33.89
C ARG C 203 -6.65 -30.00 32.81
N PHE C 204 -7.44 -29.11 32.19
CA PHE C 204 -8.37 -29.53 31.16
C PHE C 204 -7.64 -29.68 29.83
N SER C 205 -7.92 -30.78 29.12
CA SER C 205 -7.34 -31.01 27.81
C SER C 205 -8.39 -31.67 26.91
N GLY C 206 -8.21 -31.52 25.61
CA GLY C 206 -9.13 -32.10 24.65
C GLY C 206 -8.39 -32.95 23.63
N SER C 207 -9.06 -34.01 23.20
CA SER C 207 -8.48 -34.92 22.22
C SER C 207 -9.61 -35.58 21.43
N GLY C 208 -9.24 -36.37 20.43
CA GLY C 208 -10.18 -37.11 19.63
C GLY C 208 -10.13 -36.70 18.17
N SER C 209 -10.99 -37.34 17.38
CA SER C 209 -11.11 -37.08 15.96
C SER C 209 -12.31 -36.19 15.70
N GLY C 210 -12.63 -35.97 14.42
CA GLY C 210 -13.74 -35.13 14.05
C GLY C 210 -15.10 -35.70 14.44
N THR C 211 -15.17 -37.00 14.74
CA THR C 211 -16.41 -37.65 15.12
C THR C 211 -16.55 -37.79 16.63
N ALA C 212 -15.57 -38.43 17.27
CA ALA C 212 -15.56 -38.61 18.72
C ALA C 212 -14.62 -37.60 19.36
N PHE C 213 -14.97 -37.17 20.57
CA PHE C 213 -14.19 -36.18 21.30
C PHE C 213 -14.07 -36.61 22.76
N THR C 214 -12.99 -36.20 23.40
CA THR C 214 -12.71 -36.58 24.77
C THR C 214 -12.14 -35.39 25.53
N LEU C 215 -12.75 -35.08 26.67
CA LEU C 215 -12.29 -34.03 27.57
C LEU C 215 -11.67 -34.69 28.79
N THR C 216 -10.38 -34.44 29.01
CA THR C 216 -9.61 -35.10 30.06
C THR C 216 -9.21 -34.09 31.13
N ILE C 217 -9.53 -34.40 32.38
CA ILE C 217 -9.09 -33.64 33.54
C ILE C 217 -8.09 -34.51 34.29
N SER C 218 -6.85 -34.04 34.39
CA SER C 218 -5.79 -34.83 35.00
C SER C 218 -5.94 -34.90 36.52
N ARG C 219 -6.25 -33.77 37.15
CA ARG C 219 -6.39 -33.70 38.61
C ARG C 219 -7.65 -32.93 38.94
N LEU C 220 -8.56 -33.57 39.66
CA LEU C 220 -9.84 -32.95 40.00
C LEU C 220 -9.68 -32.02 41.21
N GLU C 221 -10.52 -30.99 41.24
CA GLU C 221 -10.53 -30.03 42.34
C GLU C 221 -11.98 -29.77 42.75
N ALA C 222 -12.14 -29.09 43.89
CA ALA C 222 -13.46 -28.77 44.38
C ALA C 222 -14.19 -27.78 43.49
N GLU C 223 -13.46 -27.02 42.68
CA GLU C 223 -14.07 -26.05 41.77
C GLU C 223 -14.41 -26.65 40.41
N ASP C 224 -14.06 -27.91 40.17
CA ASP C 224 -14.34 -28.56 38.89
C ASP C 224 -15.74 -29.17 38.83
N VAL C 225 -16.39 -29.38 39.98
CA VAL C 225 -17.73 -29.95 39.98
C VAL C 225 -18.65 -29.05 39.18
N GLY C 226 -19.45 -29.65 38.31
CA GLY C 226 -20.36 -28.89 37.47
C GLY C 226 -20.77 -29.70 36.26
N VAL C 227 -21.44 -29.02 35.34
CA VAL C 227 -21.96 -29.64 34.12
C VAL C 227 -21.13 -29.17 32.94
N TYR C 228 -20.61 -30.13 32.17
CA TYR C 228 -19.83 -29.86 30.97
C TYR C 228 -20.72 -30.07 29.76
N TYR C 229 -20.87 -29.02 28.95
CA TYR C 229 -21.66 -29.06 27.73
C TYR C 229 -20.74 -28.96 26.52
N CYS C 230 -21.07 -29.72 25.49
CA CYS C 230 -20.34 -29.70 24.22
C CYS C 230 -21.16 -28.97 23.17
N MET C 231 -20.46 -28.27 22.27
CA MET C 231 -21.11 -27.52 21.21
C MET C 231 -20.29 -27.63 19.93
N GLN C 232 -20.99 -27.72 18.81
CA GLN C 232 -20.37 -27.72 17.49
C GLN C 232 -20.60 -26.38 16.82
N HIS C 233 -19.61 -25.92 16.05
CA HIS C 233 -19.67 -24.62 15.39
C HIS C 233 -19.37 -24.72 13.90
N LEU C 234 -19.48 -25.91 13.32
CA LEU C 234 -19.26 -26.06 11.89
C LEU C 234 -20.29 -25.26 11.09
N GLU C 235 -21.56 -25.38 11.47
CA GLU C 235 -22.65 -24.64 10.85
C GLU C 235 -23.20 -23.62 11.84
N TYR C 236 -23.72 -22.51 11.30
CA TYR C 236 -24.31 -21.47 12.15
C TYR C 236 -25.36 -22.00 13.12
N PRO C 237 -26.37 -22.75 12.68
CA PRO C 237 -27.33 -23.30 13.65
C PRO C 237 -26.67 -24.28 14.61
N LEU C 238 -26.60 -23.91 15.89
CA LEU C 238 -25.90 -24.67 16.90
C LEU C 238 -26.85 -25.60 17.63
N THR C 239 -26.26 -26.54 18.38
CA THR C 239 -27.03 -27.49 19.17
C THR C 239 -26.13 -28.04 20.26
N PHE C 240 -26.49 -27.79 21.51
CA PHE C 240 -25.70 -28.28 22.63
C PHE C 240 -26.07 -29.72 22.97
N GLY C 241 -25.15 -30.40 23.63
CA GLY C 241 -25.36 -31.77 24.04
C GLY C 241 -26.17 -31.88 25.32
N ALA C 242 -26.30 -33.12 25.80
CA ALA C 242 -27.03 -33.36 27.03
C ALA C 242 -26.30 -32.80 28.24
N GLY C 243 -24.97 -32.90 28.25
CA GLY C 243 -24.17 -32.38 29.34
C GLY C 243 -23.81 -33.45 30.36
N THR C 244 -22.54 -33.52 30.74
CA THR C 244 -22.06 -34.50 31.70
C THR C 244 -21.81 -33.83 33.05
N LYS C 245 -22.35 -34.40 34.11
CA LYS C 245 -22.27 -33.80 35.45
C LYS C 245 -21.19 -34.49 36.27
N LEU C 246 -20.38 -33.67 36.95
CA LEU C 246 -19.35 -34.16 37.86
C LEU C 246 -19.62 -33.57 39.23
N GLU C 247 -19.76 -34.43 40.24
CA GLU C 247 -20.05 -34.03 41.60
C GLU C 247 -18.95 -34.53 42.53
N LEU C 248 -19.01 -34.09 43.77
CA LEU C 248 -18.03 -34.48 44.78
C LEU C 248 -18.05 -36.00 44.99
N THR D 6 38.28 15.96 27.34
CA THR D 6 39.01 14.73 26.93
C THR D 6 38.16 13.89 25.98
N ALA D 7 37.13 14.51 25.40
CA ALA D 7 36.24 13.78 24.50
C ALA D 7 37.01 13.12 23.37
N SER D 8 37.95 13.86 22.77
CA SER D 8 38.72 13.31 21.66
C SER D 8 39.49 12.07 22.10
N ILE D 9 40.37 12.22 23.09
CA ILE D 9 41.15 11.08 23.57
C ILE D 9 40.23 10.02 24.17
N ALA D 10 39.09 10.44 24.73
CA ALA D 10 38.15 9.49 25.30
C ALA D 10 37.64 8.52 24.24
N GLN D 11 37.05 9.07 23.16
CA GLN D 11 36.57 8.22 22.08
C GLN D 11 37.72 7.49 21.40
N ALA D 12 38.91 8.10 21.35
CA ALA D 12 40.06 7.41 20.77
C ALA D 12 40.37 6.14 21.53
N ARG D 13 40.50 6.24 22.86
CA ARG D 13 40.79 5.06 23.66
C ARG D 13 39.64 4.07 23.66
N LYS D 14 38.39 4.57 23.57
CA LYS D 14 37.25 3.66 23.46
C LYS D 14 37.35 2.81 22.20
N LEU D 15 37.60 3.45 21.06
CA LEU D 15 37.75 2.70 19.81
C LEU D 15 38.97 1.80 19.85
N VAL D 16 40.04 2.23 20.52
CA VAL D 16 41.23 1.39 20.65
C VAL D 16 40.89 0.10 21.39
N GLU D 17 40.24 0.23 22.55
CA GLU D 17 39.84 -0.94 23.32
C GLU D 17 38.85 -1.80 22.55
N GLN D 18 37.96 -1.19 21.77
CA GLN D 18 37.00 -1.96 20.98
C GLN D 18 37.72 -2.80 19.93
N LEU D 19 38.62 -2.17 19.18
CA LEU D 19 39.39 -2.91 18.18
C LEU D 19 40.22 -4.01 18.85
N LYS D 20 40.76 -3.74 20.04
CA LYS D 20 41.55 -4.74 20.75
C LYS D 20 40.69 -5.95 21.10
N MET D 21 39.55 -5.72 21.76
CA MET D 21 38.69 -6.83 22.14
C MET D 21 38.10 -7.54 20.93
N GLU D 22 37.98 -6.86 19.79
CA GLU D 22 37.51 -7.53 18.58
C GLU D 22 38.60 -8.39 17.97
N ALA D 23 39.85 -7.93 18.00
CA ALA D 23 40.94 -8.71 17.44
C ALA D 23 41.17 -10.00 18.22
N ASN D 24 40.89 -9.99 19.52
CA ASN D 24 41.08 -11.18 20.34
C ASN D 24 40.10 -12.29 19.97
N ILE D 25 39.03 -11.98 19.25
CA ILE D 25 38.06 -13.01 18.87
C ILE D 25 38.68 -13.92 17.82
N ASP D 26 38.39 -15.22 17.94
CA ASP D 26 38.91 -16.19 17.01
C ASP D 26 38.30 -16.01 15.63
N ARG D 27 39.07 -16.34 14.60
CA ARG D 27 38.63 -16.22 13.21
C ARG D 27 39.17 -17.42 12.44
N ILE D 28 38.27 -18.33 12.06
CA ILE D 28 38.67 -19.51 11.28
C ILE D 28 38.72 -19.15 9.80
N LYS D 29 39.38 -20.01 9.03
CA LYS D 29 39.51 -19.78 7.60
C LYS D 29 38.13 -19.81 6.93
N VAL D 30 38.09 -19.32 5.69
CA VAL D 30 36.83 -19.26 4.96
C VAL D 30 36.38 -20.62 4.44
N SER D 31 37.31 -21.56 4.25
CA SER D 31 36.95 -22.86 3.71
C SER D 31 35.99 -23.60 4.64
N LYS D 32 36.34 -23.65 5.94
CA LYS D 32 35.49 -24.37 6.88
C LYS D 32 34.12 -23.71 7.01
N ALA D 33 34.09 -22.37 7.03
CA ALA D 33 32.82 -21.67 7.13
C ALA D 33 31.94 -21.95 5.91
N ALA D 34 32.53 -21.90 4.72
CA ALA D 34 31.78 -22.19 3.51
C ALA D 34 31.27 -23.61 3.50
N ALA D 35 32.10 -24.56 3.94
CA ALA D 35 31.67 -25.96 3.99
C ALA D 35 30.51 -26.13 4.97
N ASP D 36 30.59 -25.49 6.14
CA ASP D 36 29.50 -25.59 7.11
C ASP D 36 28.22 -24.98 6.57
N LEU D 37 28.33 -23.84 5.89
CA LEU D 37 27.15 -23.21 5.30
C LEU D 37 26.52 -24.11 4.25
N MET D 38 27.35 -24.69 3.38
CA MET D 38 26.82 -25.58 2.34
C MET D 38 26.17 -26.81 2.95
N ALA D 39 26.77 -27.35 4.01
CA ALA D 39 26.18 -28.51 4.66
C ALA D 39 24.84 -28.18 5.30
N TYR D 40 24.77 -27.04 5.99
CA TYR D 40 23.50 -26.63 6.60
C TYR D 40 22.44 -26.39 5.54
N CYS D 41 22.84 -25.82 4.39
CA CYS D 41 21.88 -25.58 3.33
C CYS D 41 21.37 -26.89 2.74
N GLU D 42 22.28 -27.83 2.47
CA GLU D 42 21.87 -29.13 1.92
C GLU D 42 21.09 -29.96 2.93
N ALA D 43 21.22 -29.68 4.23
CA ALA D 43 20.48 -30.45 5.22
C ALA D 43 19.00 -30.12 5.20
N HIS D 44 18.65 -28.84 5.05
CA HIS D 44 17.27 -28.38 5.04
C HIS D 44 16.75 -28.13 3.63
N ALA D 45 17.35 -28.76 2.62
CA ALA D 45 16.92 -28.54 1.24
C ALA D 45 15.47 -28.96 1.04
N LYS D 46 15.09 -30.12 1.60
CA LYS D 46 13.73 -30.60 1.43
C LYS D 46 12.72 -29.82 2.26
N GLU D 47 13.17 -29.17 3.34
CA GLU D 47 12.29 -28.40 4.20
C GLU D 47 12.17 -26.95 3.78
N ASP D 48 12.44 -26.64 2.51
CA ASP D 48 12.39 -25.28 1.98
C ASP D 48 11.45 -25.28 0.78
N PRO D 49 10.15 -25.04 0.99
CA PRO D 49 9.22 -25.00 -0.16
C PRO D 49 9.64 -24.02 -1.23
N LEU D 50 10.33 -22.94 -0.87
CA LEU D 50 10.79 -21.99 -1.88
C LEU D 50 11.87 -22.60 -2.76
N LEU D 51 12.76 -23.39 -2.18
CA LEU D 51 13.81 -24.05 -2.95
C LEU D 51 13.27 -25.27 -3.69
N THR D 52 12.56 -26.14 -2.97
CA THR D 52 11.96 -27.33 -3.56
C THR D 52 10.46 -27.13 -3.72
N PRO D 53 9.94 -26.88 -4.92
CA PRO D 53 8.49 -26.69 -5.08
C PRO D 53 7.71 -27.89 -4.55
N VAL D 54 6.92 -27.64 -3.51
CA VAL D 54 6.10 -28.69 -2.89
C VAL D 54 4.81 -28.83 -3.68
N PRO D 55 4.15 -29.99 -3.64
CA PRO D 55 2.90 -30.14 -4.38
C PRO D 55 1.81 -29.22 -3.84
N ALA D 56 0.76 -29.04 -4.65
CA ALA D 56 -0.34 -28.18 -4.26
C ALA D 56 -1.09 -28.69 -3.04
N SER D 57 -0.91 -29.96 -2.69
CA SER D 57 -1.59 -30.53 -1.54
C SER D 57 -1.04 -30.02 -0.21
N GLU D 58 0.20 -29.53 -0.20
CA GLU D 58 0.82 -29.03 1.02
C GLU D 58 0.68 -27.52 1.18
N ASN D 59 0.27 -26.81 0.14
CA ASN D 59 0.11 -25.36 0.21
C ASN D 59 -1.30 -25.00 0.65
N THR E 32 -20.46 11.24 -61.96
CA THR E 32 -20.03 10.05 -61.16
C THR E 32 -18.69 10.33 -60.48
N ILE E 33 -18.60 9.99 -59.19
CA ILE E 33 -17.38 10.20 -58.41
C ILE E 33 -16.62 8.91 -58.16
N GLU E 34 -17.19 7.76 -58.53
CA GLU E 34 -16.49 6.49 -58.32
C GLU E 34 -15.12 6.48 -58.97
N ASN E 35 -14.98 7.16 -60.11
CA ASN E 35 -13.67 7.26 -60.76
C ASN E 35 -12.66 7.92 -59.84
N PHE E 36 -13.07 8.93 -59.08
CA PHE E 36 -12.17 9.58 -58.13
C PHE E 36 -11.98 8.73 -56.88
N LYS E 37 -13.02 8.02 -56.45
CA LYS E 37 -12.89 7.17 -55.26
C LYS E 37 -11.87 6.07 -55.48
N ARG E 38 -11.95 5.39 -56.63
CA ARG E 38 -11.03 4.30 -56.91
C ARG E 38 -9.57 4.74 -56.84
N GLU E 39 -9.29 6.01 -57.13
CA GLU E 39 -7.92 6.51 -57.09
C GLU E 39 -7.56 7.15 -55.75
N PHE E 40 -8.56 7.63 -55.01
CA PHE E 40 -8.27 8.32 -53.76
C PHE E 40 -8.18 7.35 -52.59
N PHE E 41 -9.12 6.42 -52.48
CA PHE E 41 -9.13 5.51 -51.33
C PHE E 41 -7.86 4.70 -51.21
N PRO E 42 -7.37 4.02 -52.26
CA PRO E 42 -6.24 3.10 -52.06
C PRO E 42 -5.02 3.73 -51.41
N ILE E 43 -4.67 4.96 -51.79
CA ILE E 43 -3.46 5.58 -51.25
C ILE E 43 -3.72 6.21 -49.89
N VAL E 44 -4.84 6.92 -49.74
CA VAL E 44 -5.10 7.62 -48.48
C VAL E 44 -5.31 6.62 -47.36
N TYR E 45 -6.15 5.61 -47.59
CA TYR E 45 -6.40 4.61 -46.56
C TYR E 45 -5.13 3.80 -46.27
N LEU E 46 -4.33 3.55 -47.29
CA LEU E 46 -3.08 2.80 -47.07
C LEU E 46 -2.13 3.58 -46.17
N ILE E 47 -1.91 4.85 -46.48
CA ILE E 47 -0.98 5.65 -45.68
C ILE E 47 -1.54 5.86 -44.27
N ILE E 48 -2.86 6.03 -44.15
CA ILE E 48 -3.47 6.17 -42.83
C ILE E 48 -3.25 4.90 -42.01
N PHE E 49 -3.48 3.74 -42.63
CA PHE E 49 -3.24 2.47 -41.93
C PHE E 49 -1.78 2.36 -41.50
N PHE E 50 -0.86 2.70 -42.41
CA PHE E 50 0.56 2.61 -42.08
C PHE E 50 0.90 3.45 -40.85
N TRP E 51 0.55 4.74 -40.89
CA TRP E 51 0.88 5.63 -39.77
C TRP E 51 0.17 5.21 -38.50
N GLY E 52 -1.11 4.83 -38.62
CA GLY E 52 -1.86 4.44 -37.43
C GLY E 52 -1.28 3.22 -36.75
N VAL E 53 -0.86 2.22 -37.54
CA VAL E 53 -0.21 1.06 -36.96
C VAL E 53 1.11 1.47 -36.33
N LEU E 54 1.96 2.16 -37.10
CA LEU E 54 3.26 2.58 -36.58
C LEU E 54 3.13 3.31 -35.24
N GLY E 55 2.06 4.07 -35.06
CA GLY E 55 1.85 4.77 -33.81
C GLY E 55 1.26 3.91 -32.71
N ASN E 56 0.13 3.26 -33.01
CA ASN E 56 -0.62 2.54 -31.98
C ASN E 56 0.12 1.33 -31.46
N GLY E 57 0.91 0.65 -32.30
CA GLY E 57 1.69 -0.47 -31.81
C GLY E 57 2.56 -0.06 -30.64
N LEU E 58 3.38 0.96 -30.86
CA LEU E 58 4.26 1.44 -29.79
C LEU E 58 3.47 2.07 -28.66
N SER E 59 2.37 2.75 -28.96
CA SER E 59 1.56 3.35 -27.91
C SER E 59 1.06 2.27 -26.94
N ILE E 60 0.54 1.16 -27.47
CA ILE E 60 0.05 0.10 -26.62
C ILE E 60 1.20 -0.62 -25.93
N TYR E 61 2.31 -0.83 -26.63
CA TYR E 61 3.47 -1.44 -26.00
C TYR E 61 3.95 -0.62 -24.81
N VAL E 62 3.81 0.70 -24.87
CA VAL E 62 4.24 1.56 -23.77
C VAL E 62 3.18 1.60 -22.67
N PHE E 63 1.90 1.61 -23.03
CA PHE E 63 0.85 1.64 -22.03
C PHE E 63 0.84 0.37 -21.18
N LEU E 64 0.98 -0.80 -21.82
CA LEU E 64 0.99 -2.05 -21.08
C LEU E 64 2.22 -2.21 -20.19
N GLN E 65 3.19 -1.33 -20.30
CA GLN E 65 4.38 -1.42 -19.46
C GLN E 65 4.01 -1.17 -18.00
N PRO E 66 4.47 -2.00 -17.05
CA PRO E 66 4.17 -1.73 -15.63
C PRO E 66 5.18 -0.78 -15.00
N TYR E 67 5.92 -0.05 -15.83
CA TYR E 67 7.04 0.75 -15.33
C TYR E 67 6.57 1.77 -14.30
N LYS E 68 5.67 2.67 -14.67
CA LYS E 68 5.33 3.77 -13.80
C LYS E 68 4.16 3.45 -12.87
N LYS E 69 2.98 3.20 -13.44
CA LYS E 69 1.79 2.98 -12.62
C LYS E 69 0.57 2.68 -13.50
N SER E 70 -0.57 2.41 -12.85
CA SER E 70 -1.84 2.24 -13.53
C SER E 70 -2.84 3.25 -12.96
N THR E 71 -3.30 4.16 -13.82
CA THR E 71 -4.21 5.22 -13.44
C THR E 71 -5.42 5.23 -14.38
N SER E 72 -6.47 5.93 -13.95
CA SER E 72 -7.67 6.03 -14.77
C SER E 72 -7.36 6.61 -16.15
N VAL E 73 -6.53 7.66 -16.20
CA VAL E 73 -6.15 8.23 -17.49
C VAL E 73 -5.42 7.20 -18.33
N ASN E 74 -4.60 6.36 -17.69
CA ASN E 74 -3.90 5.31 -18.43
C ASN E 74 -4.88 4.31 -19.03
N VAL E 75 -5.89 3.91 -18.25
CA VAL E 75 -6.88 2.98 -18.76
C VAL E 75 -7.67 3.60 -19.91
N PHE E 76 -8.04 4.87 -19.77
CA PHE E 76 -8.77 5.55 -20.85
C PHE E 76 -7.95 5.63 -22.12
N MET E 77 -6.66 6.00 -22.00
CA MET E 77 -5.81 6.07 -23.17
C MET E 77 -5.57 4.69 -23.77
N LEU E 78 -5.49 3.65 -22.94
CA LEU E 78 -5.33 2.30 -23.47
C LEU E 78 -6.57 1.87 -24.26
N ASN E 79 -7.76 2.16 -23.73
CA ASN E 79 -8.98 1.85 -24.47
C ASN E 79 -9.05 2.64 -25.77
N LEU E 80 -8.64 3.91 -25.73
CA LEU E 80 -8.61 4.72 -26.95
C LEU E 80 -7.67 4.12 -27.98
N ALA E 81 -6.48 3.71 -27.55
CA ALA E 81 -5.52 3.12 -28.47
C ALA E 81 -6.02 1.80 -29.04
N ILE E 82 -6.69 1.00 -28.21
CA ILE E 82 -7.23 -0.27 -28.69
C ILE E 82 -8.33 -0.01 -29.73
N SER E 83 -9.20 0.96 -29.46
CA SER E 83 -10.25 1.28 -30.43
C SER E 83 -9.66 1.78 -31.72
N ASP E 84 -8.63 2.64 -31.64
CA ASP E 84 -8.00 3.15 -32.86
C ASP E 84 -7.33 2.03 -33.64
N LEU E 85 -6.67 1.10 -32.94
CA LEU E 85 -6.02 -0.02 -33.62
C LEU E 85 -7.04 -0.92 -34.28
N LEU E 86 -8.18 -1.15 -33.63
CA LEU E 86 -9.23 -1.96 -34.23
C LEU E 86 -9.80 -1.27 -35.47
N PHE E 87 -10.02 0.05 -35.39
CA PHE E 87 -10.49 0.79 -36.55
C PHE E 87 -9.48 0.71 -37.69
N ILE E 88 -8.19 0.78 -37.38
CA ILE E 88 -7.16 0.77 -38.42
C ILE E 88 -7.07 -0.61 -39.06
N SER E 89 -7.12 -1.66 -38.26
CA SER E 89 -7.00 -3.02 -38.81
C SER E 89 -8.07 -3.29 -39.85
N THR E 90 -9.24 -2.66 -39.73
CA THR E 90 -10.33 -2.82 -40.68
C THR E 90 -10.24 -1.82 -41.83
N LEU E 91 -9.22 -0.97 -41.86
CA LEU E 91 -9.08 0.05 -42.89
C LEU E 91 -8.53 -0.54 -44.19
N PRO E 92 -7.43 -1.31 -44.17
CA PRO E 92 -6.85 -1.76 -45.44
C PRO E 92 -7.76 -2.67 -46.25
N PHE E 93 -8.74 -3.32 -45.59
CA PHE E 93 -9.69 -4.13 -46.34
C PHE E 93 -10.49 -3.28 -47.32
N ARG E 94 -10.97 -2.13 -46.86
CA ARG E 94 -11.73 -1.24 -47.75
C ARG E 94 -10.83 -0.67 -48.83
N ALA E 95 -9.57 -0.38 -48.51
CA ALA E 95 -8.63 0.09 -49.52
C ALA E 95 -8.45 -0.95 -50.62
N ASP E 96 -8.24 -2.21 -50.22
CA ASP E 96 -8.09 -3.28 -51.21
C ASP E 96 -9.37 -3.44 -52.02
N TYR E 97 -10.53 -3.35 -51.37
CA TYR E 97 -11.79 -3.43 -52.09
C TYR E 97 -11.88 -2.36 -53.17
N TYR E 98 -11.67 -1.11 -52.79
CA TYR E 98 -11.78 -0.01 -53.76
C TYR E 98 -10.65 -0.04 -54.79
N LEU E 99 -9.55 -0.74 -54.50
CA LEU E 99 -8.43 -0.76 -55.43
C LEU E 99 -8.76 -1.59 -56.67
N ARG E 100 -9.50 -2.68 -56.51
CA ARG E 100 -9.83 -3.58 -57.61
C ARG E 100 -11.16 -3.26 -58.26
N GLY E 101 -11.59 -2.00 -58.24
CA GLY E 101 -12.80 -1.59 -58.91
C GLY E 101 -14.07 -2.00 -58.17
N SER E 102 -14.10 -1.76 -56.86
CA SER E 102 -15.28 -2.03 -56.04
C SER E 102 -15.71 -3.49 -56.16
N ASN E 103 -14.76 -4.38 -55.90
CA ASN E 103 -15.01 -5.83 -55.90
C ASN E 103 -14.66 -6.38 -54.53
N TRP E 104 -15.65 -6.97 -53.85
CA TRP E 104 -15.47 -7.54 -52.53
C TRP E 104 -15.20 -9.03 -52.68
N ILE E 105 -13.97 -9.46 -52.40
CA ILE E 105 -13.59 -10.85 -52.55
C ILE E 105 -13.87 -11.69 -51.30
N PHE E 106 -14.03 -11.05 -50.14
CA PHE E 106 -14.31 -11.78 -48.91
C PHE E 106 -15.80 -12.12 -48.84
N GLY E 107 -16.17 -12.80 -47.76
CA GLY E 107 -17.55 -13.19 -47.56
C GLY E 107 -18.40 -12.02 -47.09
N ASP E 108 -19.72 -12.25 -47.10
CA ASP E 108 -20.65 -11.23 -46.65
C ASP E 108 -20.47 -10.95 -45.17
N LEU E 109 -20.17 -11.98 -44.37
CA LEU E 109 -19.90 -11.76 -42.96
C LEU E 109 -18.72 -10.81 -42.76
N ALA E 110 -17.69 -10.91 -43.62
CA ALA E 110 -16.57 -9.99 -43.52
C ALA E 110 -17.00 -8.56 -43.79
N CYS E 111 -17.83 -8.35 -44.82
CA CYS E 111 -18.34 -7.02 -45.11
C CYS E 111 -19.13 -6.46 -43.93
N ARG E 112 -20.00 -7.29 -43.35
CA ARG E 112 -20.79 -6.84 -42.21
C ARG E 112 -19.89 -6.47 -41.04
N ILE E 113 -18.93 -7.33 -40.70
CA ILE E 113 -18.07 -7.08 -39.55
C ILE E 113 -17.23 -5.83 -39.78
N MET E 114 -16.76 -5.61 -41.01
CA MET E 114 -15.96 -4.42 -41.29
C MET E 114 -16.80 -3.16 -41.17
N SER E 115 -17.98 -3.14 -41.80
CA SER E 115 -18.84 -1.96 -41.72
C SER E 115 -19.23 -1.68 -40.28
N TYR E 116 -19.39 -2.72 -39.46
CA TYR E 116 -19.76 -2.52 -38.07
C TYR E 116 -18.58 -1.98 -37.26
N SER E 117 -17.41 -2.60 -37.40
CA SER E 117 -16.24 -2.23 -36.63
C SER E 117 -15.73 -0.83 -36.97
N LEU E 118 -15.89 -0.40 -38.22
CA LEU E 118 -15.47 0.94 -38.59
C LEU E 118 -16.17 1.97 -37.72
N TYR E 119 -17.50 2.00 -37.80
CA TYR E 119 -18.26 3.06 -37.13
C TYR E 119 -18.35 2.85 -35.63
N VAL E 120 -18.48 1.61 -35.15
CA VAL E 120 -18.51 1.41 -33.71
C VAL E 120 -17.20 1.87 -33.09
N ASN E 121 -16.08 1.59 -33.75
CA ASN E 121 -14.78 2.03 -33.24
C ASN E 121 -14.62 3.54 -33.35
N MET E 122 -15.09 4.15 -34.44
CA MET E 122 -15.02 5.60 -34.55
C MET E 122 -15.77 6.26 -33.40
N TYR E 123 -17.00 5.83 -33.14
CA TYR E 123 -17.79 6.40 -32.06
C TYR E 123 -17.22 6.10 -30.68
N SER E 124 -16.66 4.91 -30.47
CA SER E 124 -15.99 4.62 -29.21
C SER E 124 -14.77 5.52 -29.00
N SER E 125 -14.03 5.79 -30.08
CA SER E 125 -12.90 6.71 -29.99
C SER E 125 -13.37 8.11 -29.64
N ILE E 126 -14.46 8.57 -30.25
CA ILE E 126 -15.00 9.89 -29.93
C ILE E 126 -15.40 9.95 -28.46
N TYR E 127 -16.08 8.91 -27.98
CA TYR E 127 -16.51 8.90 -26.59
C TYR E 127 -15.33 8.85 -25.64
N PHE E 128 -14.26 8.13 -25.99
CA PHE E 128 -13.08 8.10 -25.13
C PHE E 128 -12.37 9.44 -25.13
N LEU E 129 -12.34 10.13 -26.27
CA LEU E 129 -11.78 11.49 -26.30
C LEU E 129 -12.59 12.43 -25.42
N THR E 130 -13.92 12.29 -25.41
CA THR E 130 -14.74 13.10 -24.52
C THR E 130 -14.49 12.75 -23.06
N VAL E 131 -14.32 11.46 -22.77
CA VAL E 131 -14.06 11.02 -21.40
C VAL E 131 -12.74 11.61 -20.90
N LEU E 132 -11.68 11.52 -21.72
CA LEU E 132 -10.41 12.13 -21.36
C LEU E 132 -10.55 13.64 -21.16
N SER E 133 -11.34 14.30 -22.01
CA SER E 133 -11.54 15.74 -21.86
C SER E 133 -12.16 16.06 -20.51
N VAL E 134 -13.27 15.40 -20.17
CA VAL E 134 -13.92 15.68 -18.89
C VAL E 134 -13.01 15.31 -17.74
N VAL E 135 -12.20 14.26 -17.90
CA VAL E 135 -11.30 13.83 -16.83
C VAL E 135 -10.27 14.92 -16.55
N ARG E 136 -9.54 15.34 -17.57
CA ARG E 136 -8.52 16.37 -17.40
C ARG E 136 -9.10 17.76 -17.21
N PHE E 137 -10.43 17.92 -17.35
CA PHE E 137 -11.08 19.15 -16.96
C PHE E 137 -11.38 19.15 -15.47
N LEU E 138 -11.96 18.07 -14.96
CA LEU E 138 -12.20 17.95 -13.53
C LEU E 138 -10.89 17.95 -12.74
N ALA E 139 -9.83 17.39 -13.32
CA ALA E 139 -8.54 17.36 -12.62
C ALA E 139 -7.95 18.76 -12.50
N MET E 140 -8.22 19.63 -13.47
CA MET E 140 -7.61 20.95 -13.52
C MET E 140 -8.44 22.00 -12.77
N VAL E 141 -9.75 22.04 -13.04
CA VAL E 141 -10.58 23.08 -12.44
C VAL E 141 -10.76 22.84 -10.95
N HIS E 142 -10.56 21.61 -10.48
CA HIS E 142 -10.74 21.25 -9.07
C HIS E 142 -9.51 20.46 -8.62
N PRO E 143 -8.36 21.11 -8.52
CA PRO E 143 -7.14 20.40 -8.10
C PRO E 143 -7.18 19.98 -6.64
N PHE E 144 -7.51 20.91 -5.74
CA PHE E 144 -7.51 20.59 -4.32
C PHE E 144 -8.72 19.75 -3.93
N ARG E 145 -9.92 20.31 -4.07
CA ARG E 145 -11.13 19.66 -3.60
C ARG E 145 -11.80 18.88 -4.72
N LEU E 146 -12.75 18.02 -4.34
CA LEU E 146 -13.51 17.23 -5.28
C LEU E 146 -12.58 16.35 -6.12
N LEU E 147 -11.88 15.42 -5.47
CA LEU E 147 -10.96 14.52 -6.18
C LEU E 147 -11.73 13.32 -6.72
N HIS E 148 -12.81 13.62 -7.44
CA HIS E 148 -13.58 12.58 -8.12
C HIS E 148 -13.04 12.39 -9.53
N VAL E 149 -11.73 12.14 -9.63
CA VAL E 149 -11.07 11.91 -10.92
C VAL E 149 -10.26 10.62 -10.85
N THR E 150 -9.52 10.44 -9.75
CA THR E 150 -8.63 9.30 -9.60
C THR E 150 -9.46 8.03 -9.38
N SER E 151 -9.12 6.97 -10.12
CA SER E 151 -9.79 5.68 -9.98
C SER E 151 -8.97 4.63 -10.70
N ILE E 152 -9.26 3.37 -10.39
CA ILE E 152 -8.58 2.24 -11.02
C ILE E 152 -9.60 1.33 -11.68
N ARG E 153 -10.67 1.01 -10.95
CA ARG E 153 -11.69 0.10 -11.47
C ARG E 153 -12.82 0.85 -12.16
N SER E 154 -13.16 2.04 -11.65
CA SER E 154 -14.24 2.81 -12.27
C SER E 154 -13.94 3.14 -13.72
N ALA E 155 -12.65 3.33 -14.06
CA ALA E 155 -12.28 3.61 -15.44
C ALA E 155 -12.63 2.42 -16.33
N TRP E 156 -12.24 1.21 -15.92
CA TRP E 156 -12.57 0.03 -16.71
C TRP E 156 -14.07 -0.17 -16.78
N ILE E 157 -14.78 0.08 -15.68
CA ILE E 157 -16.24 -0.07 -15.70
C ILE E 157 -16.86 0.86 -16.72
N LEU E 158 -16.45 2.14 -16.72
CA LEU E 158 -17.01 3.09 -17.67
C LEU E 158 -16.65 2.73 -19.09
N CYS E 159 -15.41 2.30 -19.33
CA CYS E 159 -15.01 1.90 -20.67
C CYS E 159 -15.85 0.73 -21.17
N GLY E 160 -16.05 -0.29 -20.32
CA GLY E 160 -16.85 -1.43 -20.71
C GLY E 160 -18.29 -1.05 -20.96
N ILE E 161 -18.85 -0.17 -20.12
CA ILE E 161 -20.22 0.28 -20.32
C ILE E 161 -20.36 0.99 -21.67
N ILE E 162 -19.42 1.88 -21.98
CA ILE E 162 -19.47 2.59 -23.26
C ILE E 162 -19.37 1.61 -24.41
N TRP E 163 -18.42 0.66 -24.33
CA TRP E 163 -18.28 -0.35 -25.38
C TRP E 163 -19.58 -1.09 -25.59
N ILE E 164 -20.15 -1.64 -24.52
CA ILE E 164 -21.34 -2.47 -24.65
C ILE E 164 -22.51 -1.65 -25.20
N LEU E 165 -22.68 -0.42 -24.71
CA LEU E 165 -23.78 0.41 -25.17
C LEU E 165 -23.65 0.72 -26.67
N ILE E 166 -22.48 1.21 -27.09
CA ILE E 166 -22.28 1.58 -28.48
C ILE E 166 -22.45 0.35 -29.37
N MET E 167 -21.97 -0.81 -28.91
CA MET E 167 -22.08 -2.03 -29.69
C MET E 167 -23.54 -2.46 -29.84
N ALA E 168 -24.28 -2.50 -28.73
CA ALA E 168 -25.68 -2.88 -28.78
C ALA E 168 -26.47 -1.92 -29.66
N SER E 169 -26.08 -0.64 -29.67
CA SER E 169 -26.78 0.33 -30.50
C SER E 169 -26.48 0.11 -31.98
N SER E 170 -25.20 -0.02 -32.33
CA SER E 170 -24.82 -0.13 -33.73
C SER E 170 -25.01 -1.55 -34.29
N ILE E 171 -25.41 -2.50 -33.45
CA ILE E 171 -25.60 -3.89 -33.89
C ILE E 171 -26.48 -3.94 -35.13
N MET E 172 -27.40 -2.99 -35.28
CA MET E 172 -28.35 -3.02 -36.38
C MET E 172 -27.64 -3.07 -37.73
N LEU E 173 -26.47 -2.41 -37.83
CA LEU E 173 -25.77 -2.34 -39.10
C LEU E 173 -25.36 -3.70 -39.63
N LEU E 174 -25.34 -4.73 -38.77
CA LEU E 174 -24.92 -6.06 -39.21
C LEU E 174 -25.83 -6.65 -40.28
N ASP E 175 -27.01 -6.09 -40.49
CA ASP E 175 -27.95 -6.62 -41.48
C ASP E 175 -27.59 -6.23 -42.91
N SER E 176 -26.50 -5.48 -43.09
CA SER E 176 -26.07 -5.04 -44.42
C SER E 176 -25.85 -6.22 -45.34
N GLY E 177 -26.61 -6.28 -46.43
CA GLY E 177 -26.48 -7.39 -47.36
C GLY E 177 -25.23 -7.33 -48.18
N SER E 178 -24.87 -8.45 -48.80
CA SER E 178 -23.71 -8.47 -49.68
C SER E 178 -24.01 -7.50 -50.81
N GLU E 179 -25.27 -7.42 -51.23
CA GLU E 179 -25.69 -6.51 -52.31
C GLU E 179 -24.93 -6.84 -53.58
N GLN E 180 -24.73 -8.13 -53.84
CA GLN E 180 -24.03 -8.53 -55.05
C GLN E 180 -24.84 -8.14 -56.27
N ASN E 181 -24.18 -7.54 -57.26
CA ASN E 181 -24.85 -7.16 -58.51
C ASN E 181 -23.99 -7.68 -59.66
N GLY E 182 -24.57 -8.53 -60.50
CA GLY E 182 -23.80 -9.11 -61.58
C GLY E 182 -22.59 -9.85 -61.04
N SER E 183 -21.41 -9.57 -61.60
CA SER E 183 -20.17 -10.25 -61.18
C SER E 183 -19.43 -9.54 -60.06
N VAL E 184 -19.92 -8.39 -59.61
CA VAL E 184 -19.22 -7.58 -58.59
C VAL E 184 -20.10 -7.40 -57.38
N THR E 185 -19.51 -7.14 -56.22
CA THR E 185 -20.26 -6.96 -54.98
C THR E 185 -20.13 -5.53 -54.50
N SER E 186 -21.25 -4.86 -54.25
CA SER E 186 -21.23 -3.49 -53.75
C SER E 186 -21.16 -3.42 -52.22
N CYS E 187 -20.07 -3.95 -51.64
CA CYS E 187 -19.87 -3.85 -50.20
C CYS E 187 -19.39 -2.44 -49.92
N LEU E 188 -19.64 -1.91 -48.73
CA LEU E 188 -19.16 -0.57 -48.33
C LEU E 188 -19.78 0.51 -49.21
N GLU E 189 -20.97 0.25 -49.76
CA GLU E 189 -21.62 1.21 -50.65
C GLU E 189 -23.10 1.34 -50.31
N LEU E 190 -23.66 2.51 -50.56
CA LEU E 190 -25.06 2.76 -50.21
C LEU E 190 -26.05 2.19 -51.22
N ASN E 191 -27.15 1.59 -50.76
CA ASN E 191 -28.20 1.10 -51.63
C ASN E 191 -29.55 1.48 -51.05
N LEU E 192 -30.60 1.27 -51.84
CA LEU E 192 -31.95 1.60 -51.37
C LEU E 192 -32.32 0.79 -50.14
N TYR E 193 -31.99 -0.50 -50.11
CA TYR E 193 -32.34 -1.33 -48.96
C TYR E 193 -31.74 -0.79 -47.67
N LYS E 194 -30.61 -0.09 -47.76
CA LYS E 194 -29.95 0.49 -46.59
C LYS E 194 -30.43 1.91 -46.28
N ILE E 195 -31.59 2.31 -46.79
CA ILE E 195 -32.07 3.67 -46.52
C ILE E 195 -32.96 3.70 -45.29
N ALA E 196 -34.01 2.86 -45.26
CA ALA E 196 -34.96 2.90 -44.17
C ALA E 196 -34.29 2.84 -42.81
N LYS E 197 -33.13 2.19 -42.73
CA LYS E 197 -32.41 2.13 -41.46
C LYS E 197 -31.55 3.37 -41.24
N LEU E 198 -30.80 3.79 -42.27
CA LEU E 198 -29.92 4.95 -42.12
C LEU E 198 -30.71 6.21 -41.81
N GLN E 199 -31.92 6.32 -42.35
CA GLN E 199 -32.75 7.49 -42.06
C GLN E 199 -33.16 7.58 -40.60
N THR E 200 -32.96 6.50 -39.83
CA THR E 200 -33.35 6.47 -38.43
C THR E 200 -32.16 6.62 -37.48
N MET E 201 -31.13 5.78 -37.62
CA MET E 201 -30.01 5.81 -36.71
C MET E 201 -28.96 6.84 -37.07
N ASN E 202 -29.14 7.57 -38.17
CA ASN E 202 -28.17 8.59 -38.56
C ASN E 202 -28.26 9.81 -37.64
N TYR E 203 -29.43 10.45 -37.62
CA TYR E 203 -29.59 11.66 -36.80
C TYR E 203 -29.22 11.42 -35.35
N ILE E 204 -29.49 10.22 -34.83
CA ILE E 204 -29.10 9.89 -33.47
C ILE E 204 -27.60 10.11 -33.29
N ALA E 205 -26.79 9.49 -34.16
CA ALA E 205 -25.35 9.66 -34.08
C ALA E 205 -24.94 11.11 -34.20
N LEU E 206 -25.77 11.94 -34.85
CA LEU E 206 -25.46 13.36 -34.97
C LEU E 206 -25.63 14.06 -33.63
N VAL E 207 -26.63 13.67 -32.86
CA VAL E 207 -26.92 14.37 -31.60
C VAL E 207 -25.97 13.92 -30.51
N VAL E 208 -25.99 12.63 -30.17
CA VAL E 208 -25.18 12.12 -29.07
C VAL E 208 -23.78 11.74 -29.50
N GLY E 209 -23.54 11.57 -30.80
CA GLY E 209 -22.24 11.16 -31.29
C GLY E 209 -21.36 12.30 -31.74
N CYS E 210 -21.97 13.37 -32.24
CA CYS E 210 -21.24 14.51 -32.78
C CYS E 210 -21.54 15.80 -32.03
N LEU E 211 -22.81 16.12 -31.80
CA LEU E 211 -23.16 17.40 -31.20
C LEU E 211 -22.84 17.42 -29.71
N LEU E 212 -23.37 16.47 -28.95
CA LEU E 212 -23.15 16.46 -27.50
C LEU E 212 -21.68 16.29 -27.15
N PRO E 213 -20.93 15.35 -27.74
CA PRO E 213 -19.49 15.27 -27.43
C PRO E 213 -18.75 16.53 -27.81
N PHE E 214 -19.10 17.15 -28.94
CA PHE E 214 -18.43 18.38 -29.35
C PHE E 214 -18.67 19.50 -28.34
N PHE E 215 -19.92 19.65 -27.90
CA PHE E 215 -20.22 20.68 -26.90
C PHE E 215 -19.51 20.38 -25.58
N THR E 216 -19.44 19.10 -25.20
CA THR E 216 -18.73 18.75 -23.97
C THR E 216 -17.25 19.13 -24.09
N LEU E 217 -16.60 18.74 -25.18
CA LEU E 217 -15.21 19.12 -25.40
C LEU E 217 -15.03 20.63 -25.34
N SER E 218 -15.90 21.37 -26.03
CA SER E 218 -15.77 22.82 -26.09
C SER E 218 -15.87 23.43 -24.70
N ILE E 219 -16.92 23.06 -23.95
CA ILE E 219 -17.13 23.64 -22.63
C ILE E 219 -15.95 23.29 -21.71
N CYS E 220 -15.57 22.01 -21.68
CA CYS E 220 -14.51 21.57 -20.79
C CYS E 220 -13.21 22.31 -21.09
N TYR E 221 -12.81 22.37 -22.36
CA TYR E 221 -11.54 22.99 -22.69
C TYR E 221 -11.58 24.51 -22.60
N LEU E 222 -12.75 25.14 -22.80
CA LEU E 222 -12.86 26.57 -22.55
C LEU E 222 -12.70 26.88 -21.08
N LEU E 223 -13.29 26.05 -20.22
CA LEU E 223 -13.09 26.22 -18.78
C LEU E 223 -11.63 25.99 -18.39
N ILE E 224 -10.99 25.01 -19.04
CA ILE E 224 -9.57 24.76 -18.77
C ILE E 224 -8.74 25.98 -19.17
N ILE E 225 -9.04 26.57 -20.32
CA ILE E 225 -8.31 27.75 -20.78
C ILE E 225 -8.54 28.92 -19.83
N ARG E 226 -9.78 29.07 -19.33
CA ARG E 226 -10.06 30.11 -18.36
C ARG E 226 -9.24 29.92 -17.09
N VAL E 227 -9.19 28.69 -16.58
CA VAL E 227 -8.41 28.41 -15.38
C VAL E 227 -6.94 28.68 -15.62
N LEU E 228 -6.44 28.34 -16.81
CA LEU E 228 -5.03 28.59 -17.12
C LEU E 228 -4.73 30.07 -17.19
N LEU E 229 -5.62 30.86 -17.80
CA LEU E 229 -5.44 32.30 -17.89
C LEU E 229 -5.89 33.02 -16.62
N LYS E 230 -6.31 32.28 -15.60
CA LYS E 230 -6.71 32.91 -14.34
C LYS E 230 -5.57 33.72 -13.73
N VAL E 231 -4.32 33.38 -14.04
CA VAL E 231 -3.18 34.08 -13.47
C VAL E 231 -3.31 35.56 -13.74
N GLU E 232 -3.12 36.38 -12.70
CA GLU E 232 -3.20 37.83 -12.82
C GLU E 232 -1.83 38.50 -12.90
N VAL E 233 -0.80 37.87 -12.37
CA VAL E 233 0.55 38.46 -12.40
C VAL E 233 1.59 37.35 -12.51
N ARG E 239 3.83 32.23 -18.60
CA ARG E 239 4.51 31.17 -17.86
C ARG E 239 4.94 30.06 -18.82
N VAL E 240 6.15 29.53 -18.60
CA VAL E 240 6.65 28.47 -19.48
C VAL E 240 5.78 27.23 -19.37
N SER E 241 5.09 26.87 -18.29
CA SER E 241 4.13 25.72 -18.35
C SER E 241 2.75 26.02 -19.06
N HIS E 242 2.15 27.14 -18.70
CA HIS E 242 0.82 27.48 -19.24
C HIS E 242 0.71 27.67 -20.74
N ARG E 243 1.78 28.17 -21.37
CA ARG E 243 1.79 28.39 -22.81
C ARG E 243 1.73 27.07 -23.55
N LYS E 244 2.51 26.10 -23.09
CA LYS E 244 2.47 24.78 -23.70
C LYS E 244 1.10 24.16 -23.50
N ALA E 245 0.53 24.33 -22.32
CA ALA E 245 -0.82 23.82 -22.07
C ALA E 245 -1.79 24.50 -23.00
N LEU E 246 -1.63 25.79 -23.19
CA LEU E 246 -2.51 26.56 -24.06
C LEU E 246 -2.44 26.02 -25.49
N THR E 247 -1.23 25.70 -25.97
CA THR E 247 -1.11 25.24 -27.36
C THR E 247 -1.65 23.81 -27.49
N THR E 248 -1.48 22.97 -26.47
CA THR E 248 -2.04 21.61 -26.49
C THR E 248 -3.58 21.63 -26.61
N ILE E 249 -4.26 22.55 -25.92
CA ILE E 249 -5.75 22.56 -25.94
C ILE E 249 -6.46 23.05 -27.24
N ILE E 250 -5.96 24.05 -27.96
CA ILE E 250 -6.60 24.70 -29.10
C ILE E 250 -6.35 23.92 -30.37
N ILE E 251 -5.15 23.33 -30.50
CA ILE E 251 -4.86 22.51 -31.67
C ILE E 251 -5.80 21.33 -31.74
N THR E 252 -6.08 20.68 -30.61
CA THR E 252 -7.05 19.60 -30.59
C THR E 252 -8.44 20.10 -30.98
N LEU E 253 -8.80 21.31 -30.53
CA LEU E 253 -10.10 21.87 -30.90
C LEU E 253 -10.22 22.06 -32.41
N ILE E 254 -9.18 22.64 -33.03
CA ILE E 254 -9.26 22.90 -34.46
C ILE E 254 -9.16 21.61 -35.26
N ILE E 255 -8.49 20.58 -34.72
CA ILE E 255 -8.43 19.29 -35.40
C ILE E 255 -9.70 18.48 -35.24
N PHE E 256 -10.45 18.68 -34.15
CA PHE E 256 -11.71 17.99 -33.93
C PHE E 256 -12.88 18.67 -34.63
N PHE E 257 -12.85 20.01 -34.72
CA PHE E 257 -13.93 20.73 -35.37
C PHE E 257 -13.87 20.63 -36.89
N LEU E 258 -12.74 20.21 -37.45
CA LEU E 258 -12.55 20.15 -38.90
C LEU E 258 -12.45 18.72 -39.42
N CYS E 259 -12.81 17.73 -38.61
CA CYS E 259 -12.73 16.33 -39.02
C CYS E 259 -14.03 15.57 -38.81
N PHE E 260 -14.76 15.85 -37.72
CA PHE E 260 -15.98 15.13 -37.40
C PHE E 260 -17.24 15.93 -37.74
N LEU E 261 -17.35 17.16 -37.24
CA LEU E 261 -18.54 17.96 -37.51
C LEU E 261 -18.77 18.15 -39.00
N PRO E 262 -17.77 18.51 -39.81
CA PRO E 262 -18.00 18.56 -41.26
C PRO E 262 -18.43 17.22 -41.83
N TYR E 263 -17.80 16.13 -41.41
CA TYR E 263 -18.18 14.80 -41.89
C TYR E 263 -19.61 14.47 -41.53
N HIS E 264 -20.01 14.71 -40.27
CA HIS E 264 -21.38 14.42 -39.86
C HIS E 264 -22.38 15.27 -40.61
N THR E 265 -22.11 16.57 -40.75
CA THR E 265 -23.03 17.43 -41.49
C THR E 265 -23.16 16.98 -42.95
N LEU E 266 -22.04 16.60 -43.56
CA LEU E 266 -22.09 16.20 -44.97
C LEU E 266 -22.86 14.90 -45.15
N ARG E 267 -22.60 13.90 -44.30
CA ARG E 267 -23.34 12.66 -44.41
C ARG E 267 -24.82 12.86 -44.11
N THR E 268 -25.14 13.80 -43.21
CA THR E 268 -26.54 14.06 -42.90
C THR E 268 -27.24 14.71 -44.09
N VAL E 269 -26.63 15.76 -44.66
CA VAL E 269 -27.25 16.42 -45.81
C VAL E 269 -27.28 15.50 -47.03
N HIS E 270 -26.40 14.49 -47.08
CA HIS E 270 -26.43 13.55 -48.20
C HIS E 270 -27.50 12.49 -48.00
N LEU E 271 -27.69 12.01 -46.77
CA LEU E 271 -28.67 10.96 -46.52
C LEU E 271 -30.08 11.52 -46.31
N THR E 272 -30.19 12.73 -45.77
CA THR E 272 -31.51 13.31 -45.54
C THR E 272 -32.30 13.42 -46.84
N THR E 273 -31.62 13.62 -47.97
CA THR E 273 -32.24 13.70 -49.29
C THR E 273 -31.43 12.83 -50.24
N TRP E 274 -31.82 11.56 -50.34
CA TRP E 274 -31.16 10.59 -51.21
C TRP E 274 -32.23 9.92 -52.06
N LYS E 275 -32.34 10.35 -53.31
CA LYS E 275 -33.30 9.81 -54.26
C LYS E 275 -32.58 9.12 -55.40
N VAL E 276 -33.25 8.15 -56.03
CA VAL E 276 -32.66 7.42 -57.14
C VAL E 276 -32.23 8.40 -58.22
N GLY E 277 -30.99 8.27 -58.67
CA GLY E 277 -30.46 9.15 -59.69
C GLY E 277 -29.01 9.52 -59.44
N LEU E 278 -28.65 10.77 -59.76
CA LEU E 278 -27.29 11.23 -59.58
C LEU E 278 -27.07 11.70 -58.14
N CYS E 279 -25.80 11.66 -57.71
CA CYS E 279 -25.41 12.11 -56.39
C CYS E 279 -25.11 13.61 -56.36
N LYS E 280 -25.56 14.35 -57.36
CA LYS E 280 -25.40 15.80 -57.44
C LYS E 280 -23.97 16.20 -57.80
N ASP E 281 -23.07 15.22 -57.92
CA ASP E 281 -21.68 15.38 -58.33
C ASP E 281 -20.84 16.17 -57.33
N ARG E 282 -21.44 16.70 -56.27
CA ARG E 282 -20.73 17.58 -55.33
C ARG E 282 -20.80 17.07 -53.90
N LEU E 283 -21.99 16.67 -53.43
CA LEU E 283 -22.11 16.19 -52.06
C LEU E 283 -21.26 14.95 -51.83
N HIS E 284 -21.17 14.08 -52.85
CA HIS E 284 -20.41 12.85 -52.70
C HIS E 284 -18.91 13.14 -52.59
N LYS E 285 -18.41 14.11 -53.34
CA LYS E 285 -17.00 14.49 -53.25
C LYS E 285 -16.68 15.01 -51.85
N ALA E 286 -17.48 15.95 -51.36
CA ALA E 286 -17.29 16.46 -50.01
C ALA E 286 -17.36 15.32 -49.00
N LEU E 287 -18.30 14.39 -49.17
CA LEU E 287 -18.46 13.30 -48.23
C LEU E 287 -17.21 12.41 -48.21
N VAL E 288 -16.68 12.08 -49.38
CA VAL E 288 -15.51 11.20 -49.41
C VAL E 288 -14.29 11.90 -48.83
N ILE E 289 -14.10 13.18 -49.15
CA ILE E 289 -12.92 13.87 -48.64
C ILE E 289 -13.01 14.05 -47.13
N THR E 290 -14.20 14.35 -46.60
CA THR E 290 -14.34 14.50 -45.16
C THR E 290 -14.24 13.16 -44.45
N LEU E 291 -14.70 12.08 -45.09
CA LEU E 291 -14.51 10.75 -44.51
C LEU E 291 -13.03 10.39 -44.44
N ALA E 292 -12.27 10.75 -45.47
CA ALA E 292 -10.82 10.52 -45.42
C ALA E 292 -10.17 11.35 -44.32
N LEU E 293 -10.57 12.62 -44.20
CA LEU E 293 -10.03 13.47 -43.15
C LEU E 293 -10.36 12.91 -41.76
N ALA E 294 -11.55 12.33 -41.61
CA ALA E 294 -11.93 11.75 -40.32
C ALA E 294 -11.14 10.47 -40.05
N ALA E 295 -10.99 9.61 -41.06
CA ALA E 295 -10.16 8.42 -40.89
C ALA E 295 -8.73 8.80 -40.53
N ALA E 296 -8.25 9.94 -41.01
CA ALA E 296 -6.96 10.44 -40.58
C ALA E 296 -6.92 10.80 -39.10
N ASN E 297 -8.08 10.87 -38.44
CA ASN E 297 -8.08 11.10 -37.00
C ASN E 297 -7.47 9.94 -36.25
N ALA E 298 -7.57 8.73 -36.80
CA ALA E 298 -6.93 7.57 -36.17
C ALA E 298 -5.43 7.76 -36.04
N CYS E 299 -4.82 8.55 -36.92
CA CYS E 299 -3.39 8.87 -36.82
C CYS E 299 -3.14 10.20 -36.13
N PHE E 300 -4.08 11.13 -36.12
CA PHE E 300 -3.88 12.38 -35.35
C PHE E 300 -4.04 12.11 -33.86
N ASN E 301 -5.07 11.37 -33.48
CA ASN E 301 -5.38 11.18 -32.06
C ASN E 301 -4.32 10.62 -31.20
N PRO E 302 -3.67 9.53 -31.64
CA PRO E 302 -2.73 8.99 -30.66
C PRO E 302 -1.73 10.04 -30.37
N LEU E 303 -1.18 10.69 -31.39
CA LEU E 303 -0.11 11.63 -31.12
C LEU E 303 -0.61 12.77 -30.27
N LEU E 304 -1.68 13.46 -30.71
CA LEU E 304 -2.22 14.62 -29.99
C LEU E 304 -2.37 14.33 -28.51
N TYR E 305 -2.91 13.16 -28.18
CA TYR E 305 -3.20 12.84 -26.77
C TYR E 305 -2.03 12.28 -25.96
N TYR E 306 -1.10 11.49 -26.55
CA TYR E 306 0.00 10.89 -25.74
C TYR E 306 1.42 11.23 -26.13
N PHE E 307 1.74 11.16 -27.43
CA PHE E 307 3.14 11.37 -27.80
C PHE E 307 3.70 12.75 -27.49
N ALA E 308 2.83 13.76 -27.29
CA ALA E 308 3.26 15.12 -26.95
C ALA E 308 3.40 15.33 -25.45
N GLY E 309 2.55 14.71 -24.65
CA GLY E 309 2.58 14.90 -23.21
C GLY E 309 3.83 14.36 -22.54
N GLU E 310 4.38 15.08 -21.57
CA GLU E 310 5.64 14.67 -20.94
C GLU E 310 5.63 13.35 -20.18
N ASN E 311 4.58 13.08 -19.40
CA ASN E 311 4.54 11.86 -18.57
C ASN E 311 4.66 10.59 -19.40
N PHE E 312 4.06 10.57 -20.59
CA PHE E 312 4.07 9.39 -21.45
C PHE E 312 5.31 9.40 -22.27
N LYS E 313 5.86 10.59 -22.58
CA LYS E 313 7.12 10.59 -23.31
C LYS E 313 8.27 10.04 -22.46
N ASP E 314 8.12 9.97 -21.14
CA ASP E 314 9.12 9.35 -20.29
C ASP E 314 8.93 7.84 -20.22
N ARG E 315 7.67 7.39 -20.07
CA ARG E 315 7.38 5.97 -20.16
C ARG E 315 7.79 5.41 -21.52
N LEU E 316 7.67 6.22 -22.58
CA LEU E 316 8.08 5.78 -23.89
C LEU E 316 9.58 5.50 -23.93
N LYS E 317 10.40 6.48 -23.51
CA LYS E 317 11.84 6.26 -23.49
C LYS E 317 12.21 5.11 -22.57
N SER E 318 11.48 4.92 -21.48
CA SER E 318 11.74 3.79 -20.59
C SER E 318 11.52 2.48 -21.32
N ALA E 319 10.34 2.32 -21.94
CA ALA E 319 10.05 1.09 -22.67
C ALA E 319 11.05 0.86 -23.80
N LEU E 320 11.51 1.92 -24.45
CA LEU E 320 12.47 1.77 -25.53
C LEU E 320 13.83 1.30 -24.99
N ARG E 321 14.42 2.06 -24.08
CA ARG E 321 15.73 1.74 -23.53
C ARG E 321 15.63 0.87 -22.28
N LYS E 322 14.95 -0.26 -22.39
CA LYS E 322 14.81 -1.22 -21.30
C LYS E 322 15.46 -2.56 -21.59
N GLY E 323 15.27 -3.11 -22.78
CA GLY E 323 15.85 -4.39 -23.13
C GLY E 323 15.48 -4.84 -24.54
O2 LTD F . -20.17 2.61 -46.68
C1 LTD F . -21.01 1.80 -46.22
O1 LTD F . -21.80 1.21 -47.00
C2 LTD F . -21.05 1.52 -44.74
C3 LTD F . -22.39 1.51 -43.97
C4 LTD F . -22.89 2.71 -43.17
C5 LTD F . -23.62 4.01 -43.55
O3 LTD F . -23.85 4.03 -44.97
C6 LTD F . -22.95 5.26 -42.87
C7 LTD F . -22.74 4.89 -41.37
C8 LTD F . -23.47 5.34 -40.37
C9 LTD F . -23.09 4.83 -38.98
C10 LTD F . -23.91 4.15 -38.22
C11 LTD F . -23.41 3.64 -36.86
C12 LTD F . -23.71 4.11 -35.65
C13 LTD F . -24.64 5.29 -35.34
C14 LTD F . -25.73 4.86 -34.37
C15 LTD F . -25.60 4.53 -33.09
C16 LTD F . -24.30 4.44 -32.23
C17 LTD F . -24.31 4.80 -30.71
C18 LTD F . -25.60 4.92 -29.96
C19 LTD F . -25.66 6.16 -29.01
C20 LTD F . -26.83 6.08 -28.03
O32 LTD F . -19.38 5.52 -50.57
C21 LTD F . -19.81 6.69 -50.51
O31 LTD F . -19.68 7.61 -51.27
CA3 LTD F . -20.63 7.33 -49.49
N3 LTD F . -20.82 6.45 -48.42
C22 LTD F . -21.66 6.98 -47.41
O33 LTD F . -22.18 8.04 -47.49
CA2 LTD F . -21.90 6.09 -46.24
CB2 LTD F . -22.31 6.93 -45.04
SG2 LTD F . -21.53 6.01 -43.69
N2 LTD F . -20.71 5.44 -45.74
H2 LTD F . -20.66 0.52 -44.64
H3 LTD F . -20.29 2.15 -44.29
H4 LTD F . -23.17 1.25 -44.66
H5 LTD F . -22.31 0.68 -43.27
H6 LTD F . -23.70 2.45 -43.83
H7 LTD F . -22.03 3.21 -43.38
H8 LTD F . -24.57 3.92 -43.09
H9 LTD F . -24.52 4.63 -45.35
H10 LTD F . -23.73 6.02 -42.87
H11 LTD F . -21.99 4.19 -41.07
H12 LTD F . -24.29 6.03 -40.52
H13 LTD F . -22.09 5.00 -38.62
H14 LTD F . -24.92 3.92 -38.55
H15 LTD F . -22.73 2.79 -36.89
H16 LTD F . -23.24 3.60 -34.82
H17 LTD F . -24.10 6.10 -34.88
H18 LTD F . -25.11 5.66 -36.24
H19 LTD F . -26.73 4.83 -34.77
H20 LTD F . -26.54 4.26 -32.66
H21 LTD F . -23.55 5.08 -32.68
H22 LTD F . -23.95 3.42 -32.31
H23 LTD F . -23.77 5.74 -30.62
H24 LTD F . -23.72 4.04 -30.20
H25 LTD F . -26.47 5.10 -30.57
H26 LTD F . -25.69 4.11 -29.26
H27 LTD F . -25.76 7.06 -29.61
H28 LTD F . -24.74 6.21 -28.44
H29 LTD F . -27.03 7.07 -27.62
H30 LTD F . -27.71 5.71 -28.54
H31 LTD F . -26.57 5.41 -27.22
H33 LTD F . -20.10 8.21 -49.15
H34 LTD F . -21.58 7.60 -49.94
H35 LTD F . -20.38 5.56 -48.38
H36 LTD F . -22.63 5.38 -46.58
H37 LTD F . -23.39 6.98 -44.96
H38 LTD F . -21.87 7.91 -45.02
H39 LTD F . -19.90 6.02 -45.85
H40 LTD F . -20.57 4.54 -46.17
#